data_7MPK
#
_entry.id   7MPK
#
_cell.length_a   113.240
_cell.length_b   113.240
_cell.length_c   114.450
_cell.angle_alpha   90.000
_cell.angle_beta   90.000
_cell.angle_gamma   120.000
#
_symmetry.space_group_name_H-M   'P 31 2 1'
#
loop_
_entity.id
_entity.type
_entity.pdbx_description
1 polymer 'N-acetylglucosaminyldiphosphoundecaprenol N-acetyl-beta-D-mannosaminyltransferase'
2 non-polymer URIDINE-DIPHOSPHATE-N-ACETYLGLUCOSAMINE
3 water water
#
_entity_poly.entity_id   1
_entity_poly.type   'polypeptide(L)'
_entity_poly.pdbx_seq_one_letter_code
;MERLDIFGVPIDRVTMIQAVDILNNFLQENRLHIVATPNAEIVMMAQKDKEYMEILNNTDLNVPDGSGIVFASKVFKKPL
PERVAGFDLMLEFIKGISSKGVKIYLLGAAAQVAEQARANLEKLYPGVKIVGTHHGYFTEEEENKIIEEINNKGAEVLFV
ALGAPKQEKWIYKNKDKLKVKIAMGVGGSFDVIAGKVKRAPYEYRKLGQEWKYRLEKEPWRYKRMMALPKFAIKVLLHKR
EVVR
;
_entity_poly.pdbx_strand_id   A,B,C
#
loop_
_chem_comp.id
_chem_comp.type
_chem_comp.name
_chem_comp.formula
UD1 non-polymer URIDINE-DIPHOSPHATE-N-ACETYLGLUCOSAMINE 'C17 H27 N3 O17 P2'
#
# COMPACT_ATOMS: atom_id res chain seq x y z
N GLU A 2 -13.44 -16.80 3.81
CA GLU A 2 -12.93 -15.92 2.75
C GLU A 2 -12.30 -14.68 3.36
N ARG A 3 -10.96 -14.60 3.32
CA ARG A 3 -10.24 -13.47 3.92
C ARG A 3 -9.41 -12.71 2.92
N LEU A 4 -9.21 -11.43 3.14
CA LEU A 4 -8.41 -10.58 2.27
C LEU A 4 -7.12 -10.25 2.94
N ASP A 5 -5.99 -10.36 2.24
CA ASP A 5 -4.69 -10.04 2.82
C ASP A 5 -4.48 -8.54 2.59
N ILE A 6 -4.99 -7.69 3.49
CA ILE A 6 -4.79 -6.26 3.32
C ILE A 6 -3.48 -5.94 4.00
N PHE A 7 -2.37 -6.00 3.25
CA PHE A 7 -1.01 -5.76 3.73
C PHE A 7 -0.63 -6.62 4.95
N GLY A 8 -0.75 -7.94 4.84
CA GLY A 8 -0.39 -8.85 5.93
C GLY A 8 -1.53 -9.16 6.89
N VAL A 9 -2.46 -8.23 7.03
CA VAL A 9 -3.57 -8.39 7.94
C VAL A 9 -4.73 -9.11 7.26
N PRO A 10 -5.10 -10.32 7.72
CA PRO A 10 -6.26 -11.00 7.12
C PRO A 10 -7.58 -10.37 7.59
N ILE A 11 -8.45 -9.96 6.67
CA ILE A 11 -9.73 -9.36 7.03
C ILE A 11 -10.80 -10.30 6.53
N ASP A 12 -11.70 -10.74 7.40
CA ASP A 12 -12.77 -11.65 7.01
C ASP A 12 -13.79 -10.89 6.16
N ARG A 13 -14.18 -11.46 5.02
CA ARG A 13 -15.14 -10.81 4.14
C ARG A 13 -16.55 -11.07 4.66
N VAL A 14 -16.93 -10.30 5.67
CA VAL A 14 -18.22 -10.46 6.31
C VAL A 14 -19.02 -9.16 6.26
N THR A 15 -20.33 -9.31 6.38
CA THR A 15 -21.31 -8.24 6.52
C THR A 15 -21.65 -8.21 8.02
N MET A 16 -22.31 -7.17 8.51
CA MET A 16 -22.68 -7.05 9.92
C MET A 16 -23.54 -8.25 10.36
N ILE A 17 -24.50 -8.71 9.52
CA ILE A 17 -25.32 -9.87 9.86
C ILE A 17 -24.43 -11.12 9.99
N GLN A 18 -23.60 -11.39 8.98
CA GLN A 18 -22.69 -12.52 8.99
C GLN A 18 -21.74 -12.52 10.18
N ALA A 19 -21.22 -11.34 10.56
CA ALA A 19 -20.28 -11.21 11.68
C ALA A 19 -20.99 -11.58 12.96
N VAL A 20 -22.26 -11.14 13.15
CA VAL A 20 -23.02 -11.47 14.35
C VAL A 20 -23.34 -12.97 14.43
N ASP A 21 -23.64 -13.61 13.28
CA ASP A 21 -23.90 -15.05 13.25
C ASP A 21 -22.64 -15.85 13.59
N ILE A 22 -21.46 -15.37 13.16
CA ILE A 22 -20.21 -16.05 13.46
C ILE A 22 -19.97 -16.01 14.97
N LEU A 23 -20.20 -14.87 15.61
CA LEU A 23 -20.01 -14.74 17.06
C LEU A 23 -20.97 -15.63 17.82
N ASN A 24 -22.23 -15.73 17.38
CA ASN A 24 -23.20 -16.61 18.03
C ASN A 24 -22.80 -18.08 17.91
N ASN A 25 -22.11 -18.46 16.82
CA ASN A 25 -21.62 -19.81 16.64
C ASN A 25 -20.41 -20.07 17.54
N PHE A 26 -19.56 -19.05 17.77
CA PHE A 26 -18.41 -19.15 18.66
C PHE A 26 -18.86 -19.53 20.08
N LEU A 27 -20.04 -19.03 20.52
CA LEU A 27 -20.62 -19.35 21.82
C LEU A 27 -20.98 -20.85 21.97
N GLN A 28 -21.15 -21.55 20.86
CA GLN A 28 -21.41 -22.98 20.92
C GLN A 28 -20.13 -23.82 21.01
N GLU A 29 -18.95 -23.23 20.74
CA GLU A 29 -17.68 -23.95 20.79
C GLU A 29 -16.96 -23.70 22.10
N ASN A 30 -16.70 -24.78 22.87
CA ASN A 30 -16.03 -24.65 24.15
C ASN A 30 -14.52 -24.48 24.04
N ARG A 31 -14.12 -23.24 23.67
CA ARG A 31 -12.74 -22.80 23.53
C ARG A 31 -12.69 -21.27 23.40
N LEU A 32 -11.52 -20.65 23.64
CA LEU A 32 -11.41 -19.19 23.55
C LEU A 32 -11.25 -18.80 22.11
N HIS A 33 -12.05 -17.80 21.68
CA HIS A 33 -11.99 -17.26 20.33
C HIS A 33 -11.60 -15.79 20.49
N ILE A 34 -10.58 -15.33 19.76
CA ILE A 34 -10.17 -13.93 19.84
C ILE A 34 -10.75 -13.17 18.66
N VAL A 35 -11.48 -12.09 18.90
CA VAL A 35 -12.10 -11.31 17.83
C VAL A 35 -11.46 -9.92 17.79
N ALA A 36 -11.15 -9.42 16.60
CA ALA A 36 -10.60 -8.08 16.39
C ALA A 36 -11.41 -7.37 15.30
N THR A 37 -11.40 -6.04 15.31
CA THR A 37 -12.13 -5.26 14.30
C THR A 37 -11.19 -4.26 13.69
N PRO A 38 -10.28 -4.72 12.81
CA PRO A 38 -9.29 -3.81 12.23
C PRO A 38 -9.83 -2.78 11.25
N ASN A 39 -9.39 -1.55 11.42
CA ASN A 39 -9.65 -0.43 10.54
C ASN A 39 -8.32 -0.18 9.79
N ALA A 40 -8.31 0.73 8.80
CA ALA A 40 -7.08 1.00 8.03
C ALA A 40 -5.89 1.45 8.89
N GLU A 41 -6.16 2.17 10.00
CA GLU A 41 -5.15 2.66 10.92
C GLU A 41 -4.46 1.51 11.61
N ILE A 42 -5.21 0.47 12.01
CA ILE A 42 -4.68 -0.74 12.61
C ILE A 42 -3.79 -1.49 11.63
N VAL A 43 -4.18 -1.52 10.35
CA VAL A 43 -3.36 -2.11 9.29
C VAL A 43 -2.00 -1.40 9.18
N MET A 44 -1.97 -0.05 9.30
CA MET A 44 -0.72 0.71 9.28
C MET A 44 0.10 0.44 10.52
N MET A 45 -0.53 0.27 11.66
CA MET A 45 0.20 -0.01 12.92
C MET A 45 0.92 -1.34 12.86
N ALA A 46 0.24 -2.35 12.26
CA ALA A 46 0.72 -3.73 12.07
C ALA A 46 1.97 -3.75 11.22
N GLN A 47 2.13 -2.79 10.28
CA GLN A 47 3.33 -2.75 9.44
C GLN A 47 4.58 -2.47 10.25
N LYS A 48 4.48 -1.67 11.31
CA LYS A 48 5.63 -1.30 12.11
C LYS A 48 5.79 -2.20 13.36
N ASP A 49 4.70 -2.85 13.82
CA ASP A 49 4.71 -3.72 15.01
C ASP A 49 4.62 -5.23 14.69
N LYS A 50 5.78 -5.95 14.66
CA LYS A 50 5.85 -7.40 14.34
C LYS A 50 4.92 -8.22 15.24
N GLU A 51 4.94 -7.94 16.57
CA GLU A 51 4.12 -8.64 17.54
C GLU A 51 2.64 -8.50 17.21
N TYR A 52 2.16 -7.27 16.98
CA TYR A 52 0.77 -6.99 16.63
C TYR A 52 0.38 -7.69 15.32
N MET A 53 1.30 -7.71 14.34
CA MET A 53 1.03 -8.35 13.07
C MET A 53 0.82 -9.88 13.28
N GLU A 54 1.69 -10.53 14.12
CA GLU A 54 1.55 -11.95 14.42
C GLU A 54 0.20 -12.20 15.12
N ILE A 55 -0.20 -11.31 16.04
CA ILE A 55 -1.47 -11.44 16.75
C ILE A 55 -2.63 -11.40 15.77
N LEU A 56 -2.64 -10.40 14.88
CA LEU A 56 -3.72 -10.22 13.89
C LEU A 56 -3.84 -11.40 12.92
N ASN A 57 -2.77 -12.16 12.73
CA ASN A 57 -2.82 -13.36 11.89
C ASN A 57 -3.20 -14.64 12.68
N ASN A 58 -3.46 -14.52 13.99
CA ASN A 58 -3.82 -15.59 14.89
C ASN A 58 -5.14 -15.34 15.60
N THR A 59 -6.02 -14.49 15.07
CA THR A 59 -7.33 -14.25 15.69
C THR A 59 -8.37 -15.08 14.94
N ASP A 60 -9.48 -15.43 15.63
CA ASP A 60 -10.55 -16.21 15.04
C ASP A 60 -11.39 -15.43 14.06
N LEU A 61 -11.49 -14.11 14.24
CA LEU A 61 -12.31 -13.28 13.36
C LEU A 61 -11.81 -11.85 13.34
N ASN A 62 -11.53 -11.34 12.15
CA ASN A 62 -11.11 -9.94 11.97
C ASN A 62 -12.22 -9.27 11.18
N VAL A 63 -13.12 -8.55 11.87
CA VAL A 63 -14.24 -7.90 11.21
C VAL A 63 -13.76 -6.54 10.74
N PRO A 64 -13.95 -6.14 9.48
CA PRO A 64 -13.47 -4.82 9.07
C PRO A 64 -14.19 -3.69 9.79
N ASP A 65 -13.46 -2.59 10.08
CA ASP A 65 -14.02 -1.42 10.76
C ASP A 65 -13.94 -0.12 9.93
N GLY A 66 -15.07 0.52 9.76
CA GLY A 66 -15.19 1.78 9.04
C GLY A 66 -15.24 1.68 7.55
N SER A 67 -15.43 2.82 6.88
CA SER A 67 -15.47 2.87 5.41
C SER A 67 -14.09 2.77 4.78
N GLY A 68 -13.08 3.28 5.46
CA GLY A 68 -11.72 3.31 4.97
C GLY A 68 -11.19 2.00 4.43
N ILE A 69 -11.16 0.95 5.27
CA ILE A 69 -10.68 -0.37 4.87
C ILE A 69 -11.52 -0.98 3.73
N VAL A 70 -12.85 -0.66 3.68
CA VAL A 70 -13.72 -1.13 2.62
C VAL A 70 -13.34 -0.43 1.30
N PHE A 71 -13.01 0.87 1.36
CA PHE A 71 -12.59 1.59 0.18
C PHE A 71 -11.27 0.98 -0.37
N ALA A 72 -10.29 0.78 0.51
CA ALA A 72 -9.01 0.19 0.17
C ALA A 72 -9.16 -1.21 -0.42
N SER A 73 -10.15 -2.00 0.05
CA SER A 73 -10.39 -3.34 -0.48
C SER A 73 -10.89 -3.36 -1.93
N LYS A 74 -11.23 -2.19 -2.52
CA LYS A 74 -11.66 -2.12 -3.92
C LYS A 74 -10.54 -2.57 -4.89
N VAL A 75 -9.29 -2.67 -4.41
CA VAL A 75 -8.17 -3.16 -5.21
C VAL A 75 -8.32 -4.70 -5.45
N PHE A 76 -9.06 -5.42 -4.58
CA PHE A 76 -9.21 -6.87 -4.68
C PHE A 76 -10.31 -7.33 -5.63
N LYS A 77 -10.21 -8.58 -6.11
CA LYS A 77 -11.18 -9.17 -7.01
C LYS A 77 -12.53 -9.24 -6.35
N LYS A 78 -12.58 -9.55 -5.05
CA LYS A 78 -13.83 -9.57 -4.29
C LYS A 78 -13.69 -8.59 -3.12
N PRO A 79 -13.99 -7.30 -3.34
CA PRO A 79 -13.90 -6.31 -2.26
C PRO A 79 -14.78 -6.60 -1.04
N LEU A 80 -14.58 -5.88 0.07
CA LEU A 80 -15.37 -6.08 1.27
C LEU A 80 -16.83 -5.76 1.03
N PRO A 81 -17.73 -6.66 1.44
CA PRO A 81 -19.15 -6.49 1.13
C PRO A 81 -19.80 -5.18 1.55
N GLU A 82 -19.65 -4.79 2.82
CA GLU A 82 -20.28 -3.58 3.30
C GLU A 82 -19.51 -2.91 4.42
N ARG A 83 -19.78 -1.63 4.65
CA ARG A 83 -19.18 -0.85 5.72
C ARG A 83 -19.73 -1.39 7.03
N VAL A 84 -18.85 -1.74 7.94
CA VAL A 84 -19.23 -2.32 9.22
C VAL A 84 -18.49 -1.52 10.30
N ALA A 85 -19.22 -1.05 11.32
CA ALA A 85 -18.64 -0.34 12.44
C ALA A 85 -18.50 -1.34 13.59
N GLY A 86 -17.31 -1.44 14.17
CA GLY A 86 -17.05 -2.35 15.27
C GLY A 86 -17.88 -2.07 16.51
N PHE A 87 -18.26 -0.79 16.70
CA PHE A 87 -19.10 -0.37 17.80
C PHE A 87 -20.49 -0.95 17.60
N ASP A 88 -21.02 -0.85 16.36
CA ASP A 88 -22.32 -1.40 16.00
C ASP A 88 -22.33 -2.92 16.10
N LEU A 89 -21.20 -3.59 15.80
CA LEU A 89 -21.10 -5.02 15.91
C LEU A 89 -21.25 -5.44 17.39
N MET A 90 -20.58 -4.72 18.28
CA MET A 90 -20.63 -5.00 19.70
C MET A 90 -22.06 -4.86 20.25
N LEU A 91 -22.77 -3.78 19.87
CA LEU A 91 -24.13 -3.57 20.34
C LEU A 91 -25.14 -4.52 19.73
N GLU A 92 -24.96 -4.89 18.46
CA GLU A 92 -25.86 -5.86 17.82
C GLU A 92 -25.66 -7.21 18.47
N PHE A 93 -24.38 -7.61 18.72
CA PHE A 93 -24.06 -8.88 19.38
C PHE A 93 -24.69 -8.92 20.77
N ILE A 94 -24.49 -7.85 21.58
CA ILE A 94 -25.06 -7.72 22.92
C ILE A 94 -26.59 -7.74 22.87
N LYS A 95 -27.20 -7.09 21.87
CA LYS A 95 -28.66 -7.08 21.70
C LYS A 95 -29.23 -8.50 21.59
N GLY A 96 -28.58 -9.35 20.80
CA GLY A 96 -29.01 -10.73 20.63
C GLY A 96 -28.84 -11.63 21.83
N ILE A 97 -27.67 -11.56 22.50
CA ILE A 97 -27.41 -12.41 23.65
C ILE A 97 -28.02 -11.90 24.96
N SER A 98 -28.60 -10.67 24.98
CA SER A 98 -29.19 -10.15 26.22
C SER A 98 -30.41 -10.94 26.64
N SER A 99 -31.21 -11.39 25.67
CA SER A 99 -32.38 -12.22 25.93
C SER A 99 -31.99 -13.67 26.31
N LYS A 100 -30.86 -14.17 25.78
CA LYS A 100 -30.40 -15.53 26.03
C LYS A 100 -29.65 -15.72 27.37
N GLY A 101 -29.50 -14.65 28.16
CA GLY A 101 -28.83 -14.72 29.44
C GLY A 101 -27.36 -15.12 29.39
N VAL A 102 -26.63 -14.68 28.36
CA VAL A 102 -25.20 -14.97 28.21
C VAL A 102 -24.40 -14.07 29.15
N LYS A 103 -23.48 -14.64 29.95
CA LYS A 103 -22.67 -13.84 30.88
C LYS A 103 -21.58 -13.02 30.15
N ILE A 104 -21.51 -11.72 30.48
CA ILE A 104 -20.60 -10.72 29.88
C ILE A 104 -19.73 -10.02 30.95
N TYR A 105 -18.45 -9.79 30.65
CA TYR A 105 -17.57 -9.07 31.57
C TYR A 105 -16.99 -7.85 30.84
N LEU A 106 -16.98 -6.69 31.51
CA LEU A 106 -16.47 -5.49 30.91
C LEU A 106 -15.15 -5.08 31.54
N LEU A 107 -14.06 -5.25 30.83
CA LEU A 107 -12.74 -4.86 31.33
C LEU A 107 -12.24 -3.71 30.51
N GLY A 108 -11.77 -2.65 31.15
CA GLY A 108 -11.24 -1.52 30.41
C GLY A 108 -11.84 -0.19 30.81
N ALA A 109 -11.31 0.92 30.20
CA ALA A 109 -11.68 2.33 30.39
C ALA A 109 -11.29 2.91 31.79
N ALA A 110 -11.29 4.24 31.92
CA ALA A 110 -10.94 4.89 33.18
C ALA A 110 -11.92 4.55 34.31
N ALA A 111 -11.55 4.84 35.55
CA ALA A 111 -12.35 4.54 36.72
C ALA A 111 -13.82 4.93 36.59
N GLN A 112 -14.70 3.94 36.78
CA GLN A 112 -16.15 4.05 36.77
C GLN A 112 -16.79 4.05 35.38
N VAL A 113 -16.01 4.14 34.28
CA VAL A 113 -16.60 4.13 32.94
C VAL A 113 -17.24 2.76 32.62
N ALA A 114 -16.57 1.63 32.99
CA ALA A 114 -17.16 0.32 32.71
C ALA A 114 -18.40 0.03 33.58
N GLU A 115 -18.52 0.65 34.78
CA GLU A 115 -19.70 0.49 35.61
C GLU A 115 -20.86 1.31 35.03
N GLN A 116 -20.56 2.50 34.50
CA GLN A 116 -21.56 3.36 33.85
C GLN A 116 -22.04 2.76 32.55
N ALA A 117 -21.15 2.09 31.79
CA ALA A 117 -21.52 1.45 30.54
C ALA A 117 -22.44 0.27 30.83
N ARG A 118 -22.15 -0.50 31.90
CA ARG A 118 -22.95 -1.64 32.35
C ARG A 118 -24.36 -1.15 32.69
N ALA A 119 -24.47 -0.03 33.43
CA ALA A 119 -25.75 0.54 33.81
C ALA A 119 -26.58 0.94 32.58
N ASN A 120 -25.93 1.58 31.60
CA ASN A 120 -26.60 2.01 30.37
C ASN A 120 -27.00 0.81 29.52
N LEU A 121 -26.17 -0.25 29.46
CA LEU A 121 -26.48 -1.47 28.69
C LEU A 121 -27.68 -2.20 29.29
N GLU A 122 -27.82 -2.17 30.63
CA GLU A 122 -28.95 -2.79 31.30
C GLU A 122 -30.27 -2.01 31.03
N LYS A 123 -30.18 -0.71 30.71
CA LYS A 123 -31.34 0.12 30.37
C LYS A 123 -31.74 -0.11 28.91
N LEU A 124 -30.74 -0.21 28.02
CA LEU A 124 -30.97 -0.41 26.59
C LEU A 124 -31.44 -1.82 26.27
N TYR A 125 -30.78 -2.83 26.85
CA TYR A 125 -31.11 -4.22 26.57
C TYR A 125 -31.41 -4.92 27.88
N PRO A 126 -32.63 -4.75 28.42
CA PRO A 126 -32.94 -5.38 29.72
C PRO A 126 -32.81 -6.89 29.71
N GLY A 127 -32.25 -7.43 30.78
CA GLY A 127 -32.02 -8.86 30.87
C GLY A 127 -30.60 -9.28 30.53
N VAL A 128 -29.76 -8.31 30.12
CA VAL A 128 -28.36 -8.57 29.80
C VAL A 128 -27.64 -8.99 31.11
N LYS A 129 -26.92 -10.12 31.05
CA LYS A 129 -26.21 -10.59 32.21
C LYS A 129 -24.77 -10.12 32.19
N ILE A 130 -24.48 -8.96 32.81
CA ILE A 130 -23.11 -8.43 32.91
C ILE A 130 -22.62 -8.82 34.30
N VAL A 131 -21.84 -9.92 34.39
CA VAL A 131 -21.38 -10.50 35.65
C VAL A 131 -20.33 -9.70 36.39
N GLY A 132 -19.67 -8.75 35.73
CA GLY A 132 -18.66 -7.95 36.39
C GLY A 132 -18.03 -6.90 35.52
N THR A 133 -17.34 -5.94 36.14
CA THR A 133 -16.62 -4.87 35.44
C THR A 133 -15.32 -4.51 36.19
N HIS A 134 -14.36 -3.93 35.50
CA HIS A 134 -13.13 -3.47 36.11
C HIS A 134 -12.46 -2.50 35.16
N HIS A 135 -11.84 -1.43 35.70
CA HIS A 135 -11.16 -0.43 34.87
C HIS A 135 -9.91 -1.06 34.23
N GLY A 136 -9.38 -0.41 33.20
CA GLY A 136 -8.25 -0.96 32.46
C GLY A 136 -6.91 -0.37 32.81
N TYR A 137 -6.75 0.10 34.04
CA TYR A 137 -5.52 0.69 34.53
C TYR A 137 -4.98 -0.11 35.71
N PHE A 138 -5.12 -1.45 35.62
CA PHE A 138 -4.78 -2.38 36.69
C PHE A 138 -3.30 -2.69 36.78
N THR A 139 -2.85 -3.16 37.92
CA THR A 139 -1.47 -3.59 38.11
C THR A 139 -1.47 -5.13 37.88
N GLU A 140 -0.29 -5.76 37.91
CA GLU A 140 -0.20 -7.23 37.78
C GLU A 140 -0.92 -7.92 38.91
N GLU A 141 -0.83 -7.38 40.15
CA GLU A 141 -1.54 -7.99 41.26
C GLU A 141 -3.07 -7.89 41.05
N GLU A 142 -3.58 -6.79 40.50
CA GLU A 142 -5.01 -6.66 40.23
C GLU A 142 -5.41 -7.56 39.07
N GLU A 143 -4.55 -7.69 38.04
CA GLU A 143 -4.80 -8.55 36.88
C GLU A 143 -5.06 -10.00 37.33
N ASN A 144 -4.32 -10.49 38.33
CA ASN A 144 -4.50 -11.84 38.83
C ASN A 144 -5.90 -12.02 39.40
N LYS A 145 -6.37 -11.05 40.17
CA LYS A 145 -7.69 -11.11 40.77
C LYS A 145 -8.77 -10.99 39.71
N ILE A 146 -8.56 -10.10 38.72
CA ILE A 146 -9.46 -9.90 37.58
C ILE A 146 -9.65 -11.18 36.75
N ILE A 147 -8.56 -11.85 36.31
CA ILE A 147 -8.69 -13.07 35.51
C ILE A 147 -9.45 -14.16 36.29
N GLU A 148 -9.18 -14.26 37.60
CA GLU A 148 -9.88 -15.21 38.46
C GLU A 148 -11.37 -14.86 38.57
N GLU A 149 -11.69 -13.56 38.67
CA GLU A 149 -13.07 -13.10 38.75
C GLU A 149 -13.78 -13.45 37.43
N ILE A 150 -13.14 -13.18 36.26
CA ILE A 150 -13.73 -13.48 34.95
C ILE A 150 -14.07 -14.97 34.84
N ASN A 151 -13.10 -15.85 35.11
CA ASN A 151 -13.25 -17.28 35.04
C ASN A 151 -14.22 -17.84 36.07
N ASN A 152 -14.11 -17.41 37.34
CA ASN A 152 -14.99 -17.94 38.38
C ASN A 152 -16.42 -17.46 38.28
N LYS A 153 -16.66 -16.26 37.74
CA LYS A 153 -18.04 -15.80 37.49
C LYS A 153 -18.68 -16.45 36.25
N GLY A 154 -17.95 -17.31 35.55
CA GLY A 154 -18.43 -18.04 34.39
C GLY A 154 -18.76 -17.18 33.21
N ALA A 155 -18.02 -16.06 33.02
CA ALA A 155 -18.27 -15.17 31.88
C ALA A 155 -17.92 -15.88 30.58
N GLU A 156 -18.79 -15.70 29.57
CA GLU A 156 -18.60 -16.29 28.24
C GLU A 156 -18.04 -15.26 27.26
N VAL A 157 -18.43 -13.97 27.41
CA VAL A 157 -18.00 -12.89 26.53
C VAL A 157 -17.23 -11.84 27.31
N LEU A 158 -16.01 -11.50 26.87
CA LEU A 158 -15.18 -10.50 27.54
C LEU A 158 -14.87 -9.36 26.57
N PHE A 159 -15.30 -8.14 26.93
CA PHE A 159 -15.01 -6.98 26.08
C PHE A 159 -13.84 -6.27 26.72
N VAL A 160 -12.74 -6.13 25.99
CA VAL A 160 -11.55 -5.50 26.51
C VAL A 160 -11.42 -4.11 25.92
N ALA A 161 -11.72 -3.07 26.68
CA ALA A 161 -11.60 -1.68 26.23
C ALA A 161 -10.24 -1.03 26.64
N LEU A 162 -9.11 -1.49 26.07
CA LEU A 162 -7.81 -0.91 26.39
C LEU A 162 -7.16 -0.17 25.22
N GLY A 163 -7.85 -0.05 24.09
CA GLY A 163 -7.30 0.58 22.90
C GLY A 163 -6.36 -0.35 22.15
N ALA A 164 -6.18 -0.10 20.84
CA ALA A 164 -5.32 -0.96 20.04
C ALA A 164 -3.91 -0.37 19.98
N PRO A 165 -2.84 -1.21 20.04
CA PRO A 165 -2.84 -2.68 20.12
C PRO A 165 -2.93 -3.26 21.53
N LYS A 166 -2.93 -2.42 22.58
CA LYS A 166 -2.94 -2.90 23.96
C LYS A 166 -3.98 -3.99 24.27
N GLN A 167 -5.22 -3.82 23.82
CA GLN A 167 -6.26 -4.82 24.11
C GLN A 167 -5.96 -6.12 23.42
N GLU A 168 -5.47 -6.12 22.16
CA GLU A 168 -5.17 -7.39 21.48
C GLU A 168 -3.97 -8.06 22.15
N LYS A 169 -2.96 -7.26 22.48
CA LYS A 169 -1.78 -7.77 23.12
C LYS A 169 -2.09 -8.35 24.48
N TRP A 170 -3.01 -7.75 25.24
CA TRP A 170 -3.43 -8.27 26.54
C TRP A 170 -4.15 -9.60 26.39
N ILE A 171 -5.17 -9.67 25.51
CA ILE A 171 -5.91 -10.89 25.24
C ILE A 171 -4.98 -12.00 24.79
N TYR A 172 -4.09 -11.73 23.85
CA TYR A 172 -3.17 -12.74 23.34
C TYR A 172 -2.18 -13.27 24.41
N LYS A 173 -1.62 -12.37 25.21
CA LYS A 173 -0.70 -12.73 26.31
C LYS A 173 -1.39 -13.66 27.30
N ASN A 174 -2.70 -13.44 27.53
CA ASN A 174 -3.48 -14.19 28.48
C ASN A 174 -4.46 -15.21 27.87
N LYS A 175 -4.29 -15.59 26.61
CA LYS A 175 -5.20 -16.54 25.96
C LYS A 175 -5.26 -17.87 26.68
N ASP A 176 -4.15 -18.31 27.28
CA ASP A 176 -4.14 -19.59 27.99
C ASP A 176 -4.75 -19.53 29.40
N LYS A 177 -4.90 -18.31 29.95
CA LYS A 177 -5.44 -18.09 31.28
C LYS A 177 -6.92 -17.81 31.25
N LEU A 178 -7.40 -17.11 30.21
CA LEU A 178 -8.83 -16.76 30.11
C LEU A 178 -9.64 -17.95 29.69
N LYS A 179 -10.73 -18.21 30.43
CA LYS A 179 -11.64 -19.32 30.17
C LYS A 179 -12.98 -18.83 29.62
N VAL A 180 -12.95 -17.76 28.80
CA VAL A 180 -14.16 -17.25 28.15
C VAL A 180 -14.26 -17.84 26.73
N LYS A 181 -15.42 -17.72 26.08
CA LYS A 181 -15.60 -18.24 24.73
C LYS A 181 -15.23 -17.18 23.71
N ILE A 182 -15.49 -15.90 23.99
CA ILE A 182 -15.13 -14.82 23.08
C ILE A 182 -14.42 -13.72 23.88
N ALA A 183 -13.24 -13.27 23.40
CA ALA A 183 -12.52 -12.15 23.98
C ALA A 183 -12.36 -11.16 22.82
N MET A 184 -13.00 -9.99 22.90
CA MET A 184 -12.98 -9.01 21.83
C MET A 184 -12.47 -7.63 22.30
N GLY A 185 -11.52 -7.06 21.58
CA GLY A 185 -11.04 -5.72 21.88
C GLY A 185 -12.03 -4.70 21.33
N VAL A 186 -12.52 -3.79 22.20
CA VAL A 186 -13.53 -2.80 21.83
C VAL A 186 -13.09 -1.32 21.90
N GLY A 187 -11.80 -1.06 22.07
CA GLY A 187 -11.21 0.27 22.06
C GLY A 187 -11.83 1.32 22.97
N GLY A 188 -12.45 2.33 22.37
CA GLY A 188 -13.08 3.40 23.15
C GLY A 188 -14.58 3.31 23.27
N SER A 189 -15.14 2.11 23.00
CA SER A 189 -16.58 1.85 23.06
C SER A 189 -17.16 1.99 24.45
N PHE A 190 -16.35 1.86 25.52
CA PHE A 190 -16.87 2.05 26.87
C PHE A 190 -17.16 3.52 27.10
N ASP A 191 -16.27 4.43 26.64
CA ASP A 191 -16.50 5.87 26.81
C ASP A 191 -17.74 6.33 26.05
N VAL A 192 -18.04 5.69 24.92
CA VAL A 192 -19.18 6.08 24.11
C VAL A 192 -20.47 5.58 24.76
N ILE A 193 -20.45 4.32 25.25
CA ILE A 193 -21.61 3.71 25.90
C ILE A 193 -21.94 4.41 27.21
N ALA A 194 -20.93 4.67 28.04
CA ALA A 194 -21.13 5.39 29.31
C ALA A 194 -21.53 6.86 29.14
N GLY A 195 -21.29 7.41 27.96
CA GLY A 195 -21.62 8.81 27.69
C GLY A 195 -20.48 9.77 27.97
N LYS A 196 -19.28 9.26 28.28
CA LYS A 196 -18.10 10.08 28.51
C LYS A 196 -17.67 10.78 27.20
N VAL A 197 -17.78 10.06 26.07
CA VAL A 197 -17.39 10.53 24.74
C VAL A 197 -18.57 10.52 23.75
N LYS A 198 -18.39 11.19 22.59
CA LYS A 198 -19.33 11.27 21.47
C LYS A 198 -19.55 9.88 20.84
N GLU B 2 -1.90 18.53 13.35
CA GLU B 2 -1.44 17.13 13.38
C GLU B 2 -0.93 16.60 11.98
N ARG B 3 -0.52 15.29 11.92
CA ARG B 3 0.06 14.62 10.76
C ARG B 3 -0.60 13.23 10.49
N LEU B 4 -0.60 12.75 9.23
CA LEU B 4 -1.14 11.43 8.89
C LEU B 4 0.02 10.49 8.59
N ASP B 5 -0.05 9.27 9.09
CA ASP B 5 0.95 8.27 8.80
C ASP B 5 0.56 7.55 7.52
N ILE B 6 0.92 8.10 6.36
CA ILE B 6 0.61 7.44 5.10
C ILE B 6 1.74 6.50 4.80
N PHE B 7 1.64 5.27 5.29
CA PHE B 7 2.64 4.22 5.15
C PHE B 7 4.03 4.67 5.62
N GLY B 8 4.15 5.14 6.87
CA GLY B 8 5.42 5.54 7.44
C GLY B 8 5.78 6.99 7.25
N VAL B 9 5.27 7.59 6.18
CA VAL B 9 5.55 8.97 5.84
C VAL B 9 4.56 9.90 6.54
N PRO B 10 5.05 10.77 7.43
CA PRO B 10 4.13 11.73 8.09
C PRO B 10 3.77 12.86 7.12
N ILE B 11 2.47 13.10 6.91
CA ILE B 11 2.03 14.17 6.02
C ILE B 11 1.33 15.18 6.88
N ASP B 12 1.75 16.45 6.85
CA ASP B 12 1.11 17.49 7.64
C ASP B 12 -0.29 17.77 7.12
N ARG B 13 -1.31 17.80 8.02
CA ARG B 13 -2.71 18.09 7.64
C ARG B 13 -2.90 19.60 7.43
N VAL B 14 -2.30 20.13 6.37
CA VAL B 14 -2.36 21.55 6.06
C VAL B 14 -3.11 21.83 4.77
N THR B 15 -3.60 23.06 4.66
CA THR B 15 -4.22 23.62 3.47
C THR B 15 -3.14 24.51 2.83
N MET B 16 -3.37 24.93 1.59
CA MET B 16 -2.41 25.77 0.88
C MET B 16 -2.10 27.09 1.68
N ILE B 17 -3.13 27.73 2.25
CA ILE B 17 -2.92 28.95 3.03
C ILE B 17 -2.08 28.64 4.27
N GLN B 18 -2.47 27.60 5.04
CA GLN B 18 -1.74 27.19 6.22
C GLN B 18 -0.27 26.82 5.94
N ALA B 19 -0.01 26.17 4.81
CA ALA B 19 1.34 25.78 4.43
C ALA B 19 2.19 27.03 4.19
N VAL B 20 1.63 28.03 3.50
CA VAL B 20 2.37 29.27 3.23
C VAL B 20 2.67 30.05 4.52
N ASP B 21 1.72 30.06 5.47
CA ASP B 21 1.93 30.74 6.75
C ASP B 21 3.03 30.06 7.56
N ILE B 22 3.11 28.71 7.49
CA ILE B 22 4.13 27.97 8.21
C ILE B 22 5.50 28.34 7.68
N LEU B 23 5.65 28.43 6.34
CA LEU B 23 6.92 28.79 5.73
C LEU B 23 7.35 30.23 6.10
N ASN B 24 6.40 31.17 6.13
CA ASN B 24 6.70 32.54 6.54
C ASN B 24 7.18 32.61 7.99
N ASN B 25 6.68 31.70 8.84
CA ASN B 25 7.10 31.62 10.24
C ASN B 25 8.51 31.02 10.35
N PHE B 26 8.84 30.06 9.47
CA PHE B 26 10.17 29.46 9.43
C PHE B 26 11.25 30.52 9.19
N LEU B 27 10.95 31.55 8.35
CA LEU B 27 11.86 32.66 8.07
C LEU B 27 12.19 33.50 9.33
N GLN B 28 11.33 33.45 10.36
CA GLN B 28 11.59 34.15 11.61
C GLN B 28 12.49 33.34 12.57
N GLU B 29 12.69 32.04 12.33
CA GLU B 29 13.52 31.20 13.18
C GLU B 29 14.92 31.04 12.60
N ASN B 30 15.96 31.46 13.34
CA ASN B 30 17.33 31.37 12.85
C ASN B 30 17.92 29.97 12.96
N ARG B 31 17.51 29.09 12.02
CA ARG B 31 17.96 27.70 11.88
C ARG B 31 17.47 27.13 10.54
N LEU B 32 18.06 26.01 10.08
CA LEU B 32 17.64 25.40 8.81
C LEU B 32 16.40 24.57 8.99
N HIS B 33 15.41 24.77 8.12
CA HIS B 33 14.16 24.03 8.14
C HIS B 33 14.09 23.29 6.81
N ILE B 34 13.83 21.98 6.83
CA ILE B 34 13.72 21.21 5.61
C ILE B 34 12.26 20.99 5.25
N VAL B 35 11.85 21.40 4.05
CA VAL B 35 10.46 21.26 3.63
C VAL B 35 10.39 20.26 2.47
N ALA B 36 9.45 19.32 2.51
CA ALA B 36 9.22 18.34 1.46
C ALA B 36 7.75 18.38 1.05
N THR B 37 7.45 17.99 -0.18
CA THR B 37 6.06 17.96 -0.65
C THR B 37 5.78 16.59 -1.21
N PRO B 38 5.59 15.58 -0.32
CA PRO B 38 5.39 14.21 -0.80
C PRO B 38 4.09 13.94 -1.53
N ASN B 39 4.18 13.18 -2.61
CA ASN B 39 3.04 12.71 -3.39
C ASN B 39 2.99 11.15 -3.25
N ALA B 40 2.02 10.44 -3.89
CA ALA B 40 1.96 8.98 -3.75
C ALA B 40 3.25 8.28 -4.16
N GLU B 41 3.91 8.83 -5.17
CA GLU B 41 5.16 8.36 -5.76
C GLU B 41 6.27 8.41 -4.74
N ILE B 42 6.44 9.55 -4.03
CA ILE B 42 7.44 9.72 -2.96
C ILE B 42 7.19 8.74 -1.82
N VAL B 43 5.91 8.46 -1.48
CA VAL B 43 5.55 7.49 -0.44
C VAL B 43 6.01 6.08 -0.87
N MET B 44 5.86 5.72 -2.17
CA MET B 44 6.30 4.41 -2.66
C MET B 44 7.81 4.28 -2.64
N MET B 45 8.52 5.39 -2.92
CA MET B 45 9.99 5.35 -2.93
C MET B 45 10.49 4.99 -1.54
N ALA B 46 9.92 5.67 -0.51
CA ALA B 46 10.23 5.52 0.91
C ALA B 46 10.02 4.09 1.44
N GLN B 47 9.13 3.31 0.81
CA GLN B 47 8.93 1.92 1.24
C GLN B 47 10.16 1.04 0.94
N LYS B 48 10.89 1.34 -0.13
CA LYS B 48 12.05 0.58 -0.54
C LYS B 48 13.36 1.21 -0.02
N ASP B 49 13.37 2.52 0.29
CA ASP B 49 14.57 3.24 0.68
C ASP B 49 14.58 3.65 2.16
N LYS B 50 15.27 2.89 3.03
CA LYS B 50 15.35 3.17 4.47
C LYS B 50 15.83 4.58 4.78
N GLU B 51 16.89 5.01 4.10
CA GLU B 51 17.49 6.34 4.26
C GLU B 51 16.46 7.44 3.98
N TYR B 52 15.76 7.35 2.83
CA TYR B 52 14.72 8.31 2.44
C TYR B 52 13.58 8.33 3.44
N MET B 53 13.20 7.16 3.95
CA MET B 53 12.14 7.05 4.95
C MET B 53 12.54 7.80 6.24
N GLU B 54 13.79 7.62 6.70
CA GLU B 54 14.30 8.33 7.89
C GLU B 54 14.32 9.83 7.63
N ILE B 55 14.72 10.27 6.42
CA ILE B 55 14.72 11.69 6.07
C ILE B 55 13.32 12.27 6.15
N LEU B 56 12.34 11.60 5.53
CA LEU B 56 10.95 12.08 5.52
C LEU B 56 10.33 12.16 6.92
N ASN B 57 10.86 11.41 7.87
CA ASN B 57 10.41 11.48 9.26
C ASN B 57 11.17 12.52 10.09
N ASN B 58 12.11 13.26 9.47
CA ASN B 58 12.95 14.27 10.08
C ASN B 58 12.87 15.62 9.35
N THR B 59 11.80 15.89 8.59
CA THR B 59 11.65 17.19 7.92
C THR B 59 10.73 18.07 8.77
N ASP B 60 10.89 19.39 8.65
CA ASP B 60 10.07 20.34 9.40
C ASP B 60 8.63 20.42 8.89
N LEU B 61 8.41 20.15 7.58
CA LEU B 61 7.08 20.24 7.01
C LEU B 61 6.95 19.35 5.78
N ASN B 62 5.97 18.46 5.79
CA ASN B 62 5.68 17.60 4.63
C ASN B 62 4.31 18.00 4.10
N VAL B 63 4.25 18.73 2.99
CA VAL B 63 2.99 19.23 2.44
C VAL B 63 2.48 18.23 1.42
N PRO B 64 1.22 17.76 1.54
CA PRO B 64 0.71 16.78 0.55
C PRO B 64 0.76 17.30 -0.87
N ASP B 65 1.23 16.49 -1.82
CA ASP B 65 1.29 16.88 -3.23
C ASP B 65 0.34 16.10 -4.17
N GLY B 66 -0.53 16.87 -4.82
CA GLY B 66 -1.47 16.36 -5.80
C GLY B 66 -2.73 15.72 -5.25
N SER B 67 -3.60 15.33 -6.16
CA SER B 67 -4.85 14.68 -5.82
C SER B 67 -4.65 13.23 -5.49
N GLY B 68 -3.56 12.60 -5.92
CA GLY B 68 -3.31 11.19 -5.62
C GLY B 68 -3.18 10.92 -4.13
N ILE B 69 -2.26 11.62 -3.43
CA ILE B 69 -2.05 11.51 -1.98
C ILE B 69 -3.38 11.71 -1.23
N VAL B 70 -4.22 12.66 -1.69
CA VAL B 70 -5.52 12.95 -1.08
C VAL B 70 -6.53 11.83 -1.33
N PHE B 71 -6.56 11.26 -2.55
CA PHE B 71 -7.41 10.10 -2.89
C PHE B 71 -7.02 8.92 -1.99
N ALA B 72 -5.70 8.62 -1.91
CA ALA B 72 -5.16 7.57 -1.06
C ALA B 72 -5.54 7.79 0.40
N SER B 73 -5.55 9.04 0.87
CA SER B 73 -5.91 9.34 2.26
C SER B 73 -7.34 9.03 2.63
N LYS B 74 -8.22 8.77 1.64
CA LYS B 74 -9.64 8.44 1.88
C LYS B 74 -9.82 7.14 2.71
N VAL B 75 -8.75 6.34 2.80
CA VAL B 75 -8.71 5.12 3.60
C VAL B 75 -8.70 5.47 5.11
N PHE B 76 -8.25 6.69 5.50
CA PHE B 76 -8.16 7.11 6.89
C PHE B 76 -9.43 7.71 7.44
N LYS B 77 -9.58 7.68 8.77
CA LYS B 77 -10.73 8.24 9.48
C LYS B 77 -10.83 9.74 9.22
N LYS B 78 -9.68 10.43 9.18
CA LYS B 78 -9.66 11.84 8.87
C LYS B 78 -8.79 12.06 7.64
N PRO B 79 -9.36 11.93 6.42
CA PRO B 79 -8.57 12.16 5.21
C PRO B 79 -7.98 13.57 5.10
N LEU B 80 -7.06 13.79 4.13
CA LEU B 80 -6.44 15.10 3.95
C LEU B 80 -7.48 16.12 3.52
N PRO B 81 -7.47 17.30 4.18
CA PRO B 81 -8.50 18.32 3.92
C PRO B 81 -8.65 18.77 2.49
N GLU B 82 -7.54 19.18 1.83
CA GLU B 82 -7.66 19.66 0.47
C GLU B 82 -6.47 19.27 -0.38
N ARG B 83 -6.69 19.22 -1.70
CA ARG B 83 -5.68 18.94 -2.69
C ARG B 83 -4.75 20.13 -2.71
N VAL B 84 -3.45 19.89 -2.54
CA VAL B 84 -2.46 20.96 -2.53
C VAL B 84 -1.39 20.61 -3.54
N ALA B 85 -1.03 21.56 -4.42
CA ALA B 85 0.02 21.30 -5.40
C ALA B 85 1.30 21.95 -4.89
N GLY B 86 2.37 21.18 -4.80
CA GLY B 86 3.66 21.66 -4.34
C GLY B 86 4.22 22.77 -5.22
N PHE B 87 3.88 22.75 -6.52
CA PHE B 87 4.29 23.77 -7.47
C PHE B 87 3.62 25.08 -7.09
N ASP B 88 2.31 25.03 -6.80
CA ASP B 88 1.52 26.20 -6.39
C ASP B 88 2.00 26.72 -5.04
N LEU B 89 2.45 25.85 -4.14
CA LEU B 89 2.98 26.27 -2.84
C LEU B 89 4.24 27.08 -3.04
N MET B 90 5.14 26.62 -3.92
CA MET B 90 6.39 27.30 -4.21
C MET B 90 6.14 28.70 -4.78
N LEU B 91 5.21 28.82 -5.75
CA LEU B 91 4.93 30.12 -6.34
C LEU B 91 4.18 31.06 -5.40
N GLU B 92 3.28 30.53 -4.57
CA GLU B 92 2.57 31.36 -3.60
C GLU B 92 3.57 31.88 -2.56
N PHE B 93 4.48 30.99 -2.09
CA PHE B 93 5.52 31.36 -1.14
C PHE B 93 6.42 32.47 -1.73
N ILE B 94 6.93 32.26 -2.96
CA ILE B 94 7.77 33.24 -3.66
C ILE B 94 7.00 34.55 -3.87
N LYS B 95 5.69 34.48 -4.19
CA LYS B 95 4.85 35.67 -4.38
C LYS B 95 4.88 36.57 -3.14
N GLY B 96 4.74 35.97 -1.97
CA GLY B 96 4.75 36.72 -0.71
C GLY B 96 6.07 37.35 -0.33
N ILE B 97 7.16 36.58 -0.43
CA ILE B 97 8.47 37.09 -0.06
C ILE B 97 9.17 37.95 -1.14
N SER B 98 8.59 38.06 -2.35
CA SER B 98 9.21 38.88 -3.40
C SER B 98 9.20 40.36 -3.05
N SER B 99 8.12 40.81 -2.41
CA SER B 99 7.99 42.21 -1.97
C SER B 99 8.88 42.49 -0.74
N LYS B 100 9.07 41.48 0.14
CA LYS B 100 9.86 41.60 1.37
C LYS B 100 11.40 41.54 1.16
N GLY B 101 11.85 41.38 -0.08
CA GLY B 101 13.27 41.31 -0.41
C GLY B 101 14.04 40.16 0.21
N VAL B 102 13.39 38.98 0.35
CA VAL B 102 14.02 37.79 0.91
C VAL B 102 14.95 37.19 -0.14
N LYS B 103 16.22 36.90 0.24
CA LYS B 103 17.19 36.29 -0.68
C LYS B 103 16.88 34.81 -0.98
N ILE B 104 16.83 34.47 -2.28
CA ILE B 104 16.50 33.14 -2.82
C ILE B 104 17.63 32.59 -3.70
N TYR B 105 17.91 31.28 -3.60
CA TYR B 105 18.92 30.64 -4.45
C TYR B 105 18.26 29.47 -5.18
N LEU B 106 18.51 29.36 -6.48
CA LEU B 106 17.96 28.29 -7.28
C LEU B 106 19.03 27.26 -7.64
N LEU B 107 19.12 26.16 -6.90
CA LEU B 107 20.07 25.11 -7.20
C LEU B 107 19.31 23.93 -7.82
N GLY B 108 19.75 23.49 -8.99
CA GLY B 108 19.09 22.38 -9.66
C GLY B 108 18.79 22.66 -11.11
N ALA B 109 18.26 21.60 -11.79
CA ALA B 109 17.82 21.53 -13.18
C ALA B 109 18.99 21.44 -14.22
N ALA B 110 18.68 21.09 -15.49
CA ALA B 110 19.64 21.03 -16.58
C ALA B 110 20.33 22.40 -16.82
N ALA B 111 21.42 22.43 -17.60
CA ALA B 111 22.17 23.66 -17.88
C ALA B 111 21.28 24.76 -18.43
N GLN B 112 21.32 25.93 -17.77
CA GLN B 112 20.62 27.18 -18.08
C GLN B 112 19.17 27.22 -17.65
N VAL B 113 18.61 26.10 -17.19
CA VAL B 113 17.21 26.07 -16.78
C VAL B 113 16.96 26.93 -15.54
N ALA B 114 17.85 26.88 -14.53
CA ALA B 114 17.67 27.72 -13.33
C ALA B 114 17.83 29.22 -13.63
N GLU B 115 18.63 29.58 -14.66
CA GLU B 115 18.78 30.98 -15.05
C GLU B 115 17.52 31.47 -15.77
N GLN B 116 16.90 30.58 -16.57
CA GLN B 116 15.66 30.88 -17.29
C GLN B 116 14.49 31.00 -16.34
N ALA B 117 14.47 30.19 -15.30
CA ALA B 117 13.42 30.22 -14.28
C ALA B 117 13.53 31.50 -13.48
N ARG B 118 14.76 31.92 -13.14
CA ARG B 118 15.06 33.16 -12.43
C ARG B 118 14.54 34.35 -13.23
N ALA B 119 14.80 34.36 -14.56
CA ALA B 119 14.35 35.42 -15.45
C ALA B 119 12.83 35.51 -15.46
N ASN B 120 12.14 34.37 -15.55
CA ASN B 120 10.70 34.34 -15.58
C ASN B 120 10.10 34.73 -14.23
N LEU B 121 10.73 34.34 -13.12
CA LEU B 121 10.26 34.70 -11.77
C LEU B 121 10.39 36.23 -11.54
N GLU B 122 11.43 36.84 -12.10
CA GLU B 122 11.61 38.29 -12.00
C GLU B 122 10.58 39.06 -12.84
N LYS B 123 9.99 38.43 -13.88
CA LYS B 123 8.93 39.02 -14.71
C LYS B 123 7.57 38.86 -14.02
N LEU B 124 7.33 37.71 -13.39
CA LEU B 124 6.08 37.41 -12.71
C LEU B 124 5.97 38.17 -11.38
N TYR B 125 7.04 38.15 -10.57
CA TYR B 125 7.03 38.78 -9.26
C TYR B 125 8.17 39.78 -9.20
N PRO B 126 8.02 40.99 -9.80
CA PRO B 126 9.13 41.95 -9.78
C PRO B 126 9.56 42.32 -8.37
N GLY B 127 10.87 42.45 -8.19
CA GLY B 127 11.43 42.75 -6.88
C GLY B 127 11.92 41.53 -6.11
N VAL B 128 11.72 40.32 -6.68
CA VAL B 128 12.18 39.08 -6.07
C VAL B 128 13.70 39.09 -6.06
N LYS B 129 14.29 38.84 -4.88
CA LYS B 129 15.74 38.83 -4.77
C LYS B 129 16.29 37.43 -4.94
N ILE B 130 16.64 37.04 -6.19
CA ILE B 130 17.24 35.73 -6.47
C ILE B 130 18.74 35.99 -6.57
N VAL B 131 19.48 35.71 -5.47
CA VAL B 131 20.91 35.99 -5.35
C VAL B 131 21.82 35.10 -6.21
N GLY B 132 21.33 33.96 -6.68
CA GLY B 132 22.15 33.08 -7.49
C GLY B 132 21.43 31.86 -8.01
N THR B 133 22.06 31.17 -8.95
CA THR B 133 21.55 29.94 -9.56
C THR B 133 22.74 29.03 -9.89
N HIS B 134 22.47 27.72 -10.04
CA HIS B 134 23.46 26.72 -10.46
C HIS B 134 22.71 25.48 -10.94
N HIS B 135 23.21 24.82 -11.99
CA HIS B 135 22.58 23.61 -12.50
C HIS B 135 22.74 22.48 -11.48
N GLY B 136 21.93 21.44 -11.62
CA GLY B 136 21.91 20.34 -10.67
C GLY B 136 22.70 19.15 -11.09
N TYR B 137 23.74 19.35 -11.90
CA TYR B 137 24.60 18.28 -12.35
C TYR B 137 26.06 18.59 -11.98
N PHE B 138 26.26 19.01 -10.74
CA PHE B 138 27.54 19.41 -10.17
C PHE B 138 28.37 18.29 -9.60
N THR B 139 29.70 18.50 -9.57
CA THR B 139 30.62 17.51 -9.01
C THR B 139 30.87 17.82 -7.52
N GLU B 140 31.50 16.89 -6.76
CA GLU B 140 31.84 17.13 -5.34
C GLU B 140 32.72 18.38 -5.20
N GLU B 141 33.56 18.67 -6.20
CA GLU B 141 34.44 19.85 -6.24
C GLU B 141 33.65 21.15 -6.44
N GLU B 142 32.62 21.14 -7.33
CA GLU B 142 31.74 22.30 -7.55
C GLU B 142 30.81 22.48 -6.35
N GLU B 143 30.42 21.37 -5.68
CA GLU B 143 29.50 21.31 -4.54
C GLU B 143 29.98 22.15 -3.39
N ASN B 144 31.31 22.18 -3.15
CA ASN B 144 31.85 22.96 -2.04
C ASN B 144 31.85 24.45 -2.34
N LYS B 145 32.06 24.83 -3.60
CA LYS B 145 32.01 26.24 -4.00
C LYS B 145 30.55 26.73 -4.09
N ILE B 146 29.58 25.80 -4.39
CA ILE B 146 28.14 26.05 -4.47
C ILE B 146 27.62 26.37 -3.08
N ILE B 147 27.88 25.51 -2.09
CA ILE B 147 27.43 25.77 -0.71
C ILE B 147 28.04 27.06 -0.20
N GLU B 148 29.31 27.33 -0.55
CA GLU B 148 30.03 28.55 -0.22
C GLU B 148 29.31 29.75 -0.84
N GLU B 149 28.87 29.64 -2.13
CA GLU B 149 28.16 30.74 -2.80
C GLU B 149 26.83 30.99 -2.09
N ILE B 150 26.08 29.92 -1.76
CA ILE B 150 24.79 30.04 -1.08
C ILE B 150 24.94 30.79 0.25
N ASN B 151 25.90 30.36 1.09
CA ASN B 151 26.16 30.96 2.38
C ASN B 151 26.73 32.37 2.28
N ASN B 152 27.72 32.59 1.40
CA ASN B 152 28.32 33.93 1.28
C ASN B 152 27.39 34.95 0.66
N LYS B 153 26.46 34.54 -0.21
CA LYS B 153 25.45 35.47 -0.75
C LYS B 153 24.29 35.76 0.23
N GLY B 154 24.30 35.12 1.40
CA GLY B 154 23.32 35.31 2.45
C GLY B 154 21.90 34.86 2.09
N ALA B 155 21.79 33.81 1.27
CA ALA B 155 20.48 33.31 0.87
C ALA B 155 19.72 32.75 2.08
N GLU B 156 18.40 33.03 2.16
CA GLU B 156 17.52 32.54 3.22
C GLU B 156 16.68 31.35 2.74
N VAL B 157 16.29 31.35 1.45
CA VAL B 157 15.46 30.30 0.86
C VAL B 157 16.22 29.59 -0.26
N LEU B 158 16.32 28.25 -0.19
CA LEU B 158 17.02 27.47 -1.22
C LEU B 158 16.06 26.46 -1.84
N PHE B 159 15.83 26.58 -3.16
CA PHE B 159 14.97 25.62 -3.84
C PHE B 159 15.88 24.63 -4.53
N VAL B 160 15.74 23.35 -4.17
CA VAL B 160 16.62 22.32 -4.71
C VAL B 160 15.88 21.46 -5.73
N ALA B 161 16.04 21.74 -7.03
CA ALA B 161 15.41 20.97 -8.08
C ALA B 161 16.29 19.81 -8.60
N LEU B 162 16.49 18.75 -7.78
CA LEU B 162 17.29 17.59 -8.20
C LEU B 162 16.48 16.28 -8.42
N GLY B 163 15.18 16.31 -8.13
CA GLY B 163 14.33 15.15 -8.25
C GLY B 163 14.32 14.33 -6.97
N ALA B 164 13.25 13.56 -6.73
CA ALA B 164 13.17 12.76 -5.51
C ALA B 164 13.74 11.37 -5.74
N PRO B 165 14.50 10.81 -4.77
CA PRO B 165 14.87 11.36 -3.45
C PRO B 165 16.17 12.18 -3.41
N LYS B 166 16.82 12.39 -4.56
CA LYS B 166 18.09 13.11 -4.62
C LYS B 166 18.05 14.45 -3.95
N GLN B 167 16.99 15.25 -4.20
CA GLN B 167 16.89 16.58 -3.63
C GLN B 167 16.80 16.53 -2.13
N GLU B 168 16.03 15.59 -1.56
CA GLU B 168 15.90 15.51 -0.10
C GLU B 168 17.15 14.94 0.56
N LYS B 169 17.78 13.96 -0.09
CA LYS B 169 19.02 13.37 0.39
C LYS B 169 20.16 14.39 0.35
N TRP B 170 20.18 15.29 -0.66
CA TRP B 170 21.23 16.32 -0.75
C TRP B 170 21.07 17.34 0.38
N ILE B 171 19.86 17.88 0.57
CA ILE B 171 19.57 18.83 1.63
C ILE B 171 19.89 18.22 2.99
N TYR B 172 19.44 16.98 3.26
CA TYR B 172 19.70 16.32 4.55
C TYR B 172 21.18 16.08 4.82
N LYS B 173 21.94 15.65 3.82
CA LYS B 173 23.39 15.41 3.93
C LYS B 173 24.11 16.72 4.29
N ASN B 174 23.72 17.82 3.64
CA ASN B 174 24.33 19.13 3.79
C ASN B 174 23.59 20.04 4.76
N LYS B 175 22.72 19.49 5.63
CA LYS B 175 21.92 20.28 6.56
C LYS B 175 22.75 21.05 7.57
N ASP B 176 23.96 20.58 7.86
CA ASP B 176 24.85 21.24 8.80
C ASP B 176 25.81 22.25 8.11
N LYS B 177 25.95 22.17 6.78
CA LYS B 177 26.82 23.07 6.04
C LYS B 177 26.06 24.28 5.50
N LEU B 178 24.81 24.05 5.08
CA LEU B 178 23.99 25.12 4.54
C LEU B 178 23.56 26.04 5.65
N LYS B 179 23.61 27.35 5.40
CA LYS B 179 23.23 28.36 6.38
C LYS B 179 21.96 29.09 5.94
N VAL B 180 21.03 28.39 5.27
CA VAL B 180 19.76 29.00 4.87
C VAL B 180 18.66 28.72 5.94
N LYS B 181 17.53 29.43 5.89
CA LYS B 181 16.43 29.21 6.83
C LYS B 181 15.47 28.14 6.30
N ILE B 182 15.28 28.07 4.98
CA ILE B 182 14.40 27.07 4.39
C ILE B 182 15.12 26.42 3.22
N ALA B 183 15.13 25.09 3.18
CA ALA B 183 15.66 24.33 2.05
C ALA B 183 14.51 23.42 1.61
N MET B 184 13.98 23.65 0.40
CA MET B 184 12.84 22.89 -0.10
C MET B 184 13.13 22.18 -1.45
N GLY B 185 12.86 20.88 -1.51
CA GLY B 185 13.01 20.14 -2.75
C GLY B 185 11.82 20.42 -3.66
N VAL B 186 12.08 20.92 -4.89
CA VAL B 186 11.01 21.30 -5.82
C VAL B 186 10.91 20.46 -7.09
N GLY B 187 11.61 19.34 -7.14
CA GLY B 187 11.55 18.44 -8.28
C GLY B 187 11.78 19.09 -9.62
N GLY B 188 10.77 19.05 -10.47
CA GLY B 188 10.88 19.59 -11.82
C GLY B 188 10.19 20.91 -12.01
N SER B 189 10.00 21.67 -10.91
CA SER B 189 9.33 22.97 -10.90
C SER B 189 10.08 24.00 -11.70
N PHE B 190 11.43 23.95 -11.69
CA PHE B 190 12.24 24.89 -12.47
C PHE B 190 11.99 24.65 -13.95
N ASP B 191 11.80 23.41 -14.39
CA ASP B 191 11.55 23.12 -15.80
C ASP B 191 10.16 23.68 -16.22
N VAL B 192 9.17 23.66 -15.32
CA VAL B 192 7.84 24.18 -15.61
C VAL B 192 7.91 25.73 -15.59
N ILE B 193 8.70 26.32 -14.65
CA ILE B 193 8.85 27.78 -14.53
C ILE B 193 9.58 28.37 -15.73
N ALA B 194 10.70 27.73 -16.13
CA ALA B 194 11.47 28.16 -17.30
C ALA B 194 10.73 27.95 -18.62
N GLY B 195 9.68 27.13 -18.62
CA GLY B 195 8.91 26.85 -19.81
C GLY B 195 9.42 25.69 -20.63
N LYS B 196 10.37 24.89 -20.08
CA LYS B 196 10.97 23.73 -20.74
C LYS B 196 9.90 22.67 -20.97
N VAL B 197 8.99 22.47 -19.99
CA VAL B 197 7.90 21.50 -20.06
C VAL B 197 6.57 22.19 -19.73
N LYS B 198 5.44 21.58 -20.13
CA LYS B 198 4.11 22.14 -19.87
C LYS B 198 3.54 21.73 -18.48
N ARG B 199 2.26 22.14 -18.20
CA ARG B 199 1.47 21.87 -16.99
C ARG B 199 2.20 22.31 -15.71
N MET C 1 5.93 5.12 -22.48
CA MET C 1 6.46 4.00 -21.70
C MET C 1 7.04 4.48 -20.36
N GLU C 2 6.58 3.78 -19.34
CA GLU C 2 6.94 4.02 -17.97
C GLU C 2 6.34 2.92 -17.12
N ARG C 3 6.88 2.79 -15.92
CA ARG C 3 6.44 1.80 -14.97
C ARG C 3 6.01 2.48 -13.70
N LEU C 4 5.02 1.88 -13.02
CA LEU C 4 4.49 2.38 -11.77
C LEU C 4 4.96 1.49 -10.65
N ASP C 5 5.44 2.06 -9.57
CA ASP C 5 5.89 1.27 -8.41
C ASP C 5 4.67 1.06 -7.51
N ILE C 6 3.89 0.00 -7.77
CA ILE C 6 2.71 -0.27 -6.96
C ILE C 6 3.16 -1.13 -5.78
N PHE C 7 3.69 -0.49 -4.72
CA PHE C 7 4.23 -1.16 -3.53
C PHE C 7 5.37 -2.13 -3.86
N GLY C 8 6.42 -1.65 -4.54
CA GLY C 8 7.57 -2.46 -4.88
C GLY C 8 7.48 -3.17 -6.20
N VAL C 9 6.27 -3.47 -6.65
CA VAL C 9 6.05 -4.17 -7.90
C VAL C 9 5.96 -3.21 -9.06
N PRO C 10 6.92 -3.26 -10.01
CA PRO C 10 6.84 -2.36 -11.18
C PRO C 10 5.76 -2.81 -12.14
N ILE C 11 4.83 -1.94 -12.54
CA ILE C 11 3.77 -2.29 -13.48
C ILE C 11 3.93 -1.43 -14.67
N ASP C 12 4.04 -2.04 -15.84
CA ASP C 12 4.20 -1.31 -17.09
C ASP C 12 2.90 -0.59 -17.44
N ARG C 13 2.96 0.74 -17.68
CA ARG C 13 1.76 1.53 -18.07
C ARG C 13 1.46 1.19 -19.53
N VAL C 14 0.65 0.16 -19.76
CA VAL C 14 0.35 -0.30 -21.12
C VAL C 14 -1.12 -0.63 -21.27
N THR C 15 -1.63 -0.37 -22.44
CA THR C 15 -2.98 -0.75 -22.82
C THR C 15 -2.86 -2.19 -23.38
N MET C 16 -3.98 -2.89 -23.61
CA MET C 16 -3.98 -4.24 -24.18
C MET C 16 -3.28 -4.24 -25.57
N ILE C 17 -3.53 -3.20 -26.42
CA ILE C 17 -2.87 -3.15 -27.74
C ILE C 17 -1.37 -3.00 -27.54
N GLN C 18 -0.93 -2.05 -26.69
CA GLN C 18 0.49 -1.82 -26.40
C GLN C 18 1.19 -3.05 -25.84
N ALA C 19 0.51 -3.81 -24.98
CA ALA C 19 1.07 -5.03 -24.39
C ALA C 19 1.30 -6.07 -25.48
N VAL C 20 0.37 -6.23 -26.42
CA VAL C 20 0.50 -7.20 -27.49
C VAL C 20 1.65 -6.79 -28.46
N ASP C 21 1.83 -5.50 -28.72
CA ASP C 21 2.92 -5.02 -29.58
C ASP C 21 4.27 -5.28 -28.94
N ILE C 22 4.35 -5.13 -27.60
CA ILE C 22 5.60 -5.37 -26.87
C ILE C 22 5.98 -6.84 -27.00
N LEU C 23 5.01 -7.75 -26.85
CA LEU C 23 5.27 -9.18 -26.96
C LEU C 23 5.72 -9.57 -28.38
N ASN C 24 5.11 -8.98 -29.41
CA ASN C 24 5.51 -9.24 -30.79
C ASN C 24 6.95 -8.77 -31.04
N ASN C 25 7.40 -7.71 -30.36
CA ASN C 25 8.76 -7.21 -30.47
C ASN C 25 9.74 -8.15 -29.74
N PHE C 26 9.31 -8.75 -28.62
CA PHE C 26 10.13 -9.70 -27.88
C PHE C 26 10.51 -10.90 -28.76
N LEU C 27 9.59 -11.34 -29.66
CA LEU C 27 9.84 -12.43 -30.60
C LEU C 27 11.00 -12.11 -31.58
N GLN C 28 11.30 -10.82 -31.79
CA GLN C 28 12.41 -10.42 -32.66
C GLN C 28 13.77 -10.46 -31.92
N GLU C 29 13.77 -10.53 -30.57
CA GLU C 29 15.00 -10.52 -29.80
C GLU C 29 15.40 -11.94 -29.40
N ASN C 30 16.58 -12.41 -29.82
CA ASN C 30 17.00 -13.77 -29.49
C ASN C 30 17.57 -13.90 -28.08
N ARG C 31 16.64 -13.92 -27.09
CA ARG C 31 16.90 -14.08 -25.67
C ARG C 31 15.59 -14.36 -24.92
N LEU C 32 15.66 -14.88 -23.68
CA LEU C 32 14.45 -15.17 -22.92
C LEU C 32 13.90 -13.93 -22.28
N HIS C 33 12.58 -13.71 -22.44
CA HIS C 33 11.89 -12.57 -21.86
C HIS C 33 10.84 -13.17 -20.93
N ILE C 34 10.78 -12.71 -19.68
CA ILE C 34 9.80 -13.21 -18.73
C ILE C 34 8.64 -12.24 -18.63
N VAL C 35 7.42 -12.70 -18.87
CA VAL C 35 6.24 -11.83 -18.81
C VAL C 35 5.36 -12.26 -17.64
N ALA C 36 4.90 -11.29 -16.84
CA ALA C 36 3.99 -11.53 -15.71
C ALA C 36 2.80 -10.61 -15.83
N THR C 37 1.67 -11.00 -15.23
CA THR C 37 0.45 -10.17 -15.26
C THR C 37 -0.04 -9.97 -13.86
N PRO C 38 0.64 -9.09 -13.08
CA PRO C 38 0.25 -8.93 -11.68
C PRO C 38 -1.09 -8.27 -11.41
N ASN C 39 -1.86 -8.84 -10.49
CA ASN C 39 -3.08 -8.20 -10.00
C ASN C 39 -2.77 -7.70 -8.55
N ALA C 40 -3.74 -7.05 -7.84
CA ALA C 40 -3.47 -6.57 -6.46
C ALA C 40 -3.16 -7.68 -5.47
N GLU C 41 -3.67 -8.90 -5.75
CA GLU C 41 -3.46 -10.06 -4.89
C GLU C 41 -2.00 -10.44 -4.95
N ILE C 42 -1.41 -10.49 -6.17
CA ILE C 42 0.01 -10.76 -6.41
C ILE C 42 0.85 -9.70 -5.67
N VAL C 43 0.48 -8.42 -5.80
CA VAL C 43 1.16 -7.33 -5.11
C VAL C 43 1.23 -7.60 -3.58
N MET C 44 0.14 -8.09 -2.98
CA MET C 44 0.08 -8.41 -1.56
C MET C 44 0.95 -9.61 -1.23
N MET C 45 1.02 -10.60 -2.13
CA MET C 45 1.87 -11.79 -1.95
C MET C 45 3.34 -11.33 -1.87
N ALA C 46 3.77 -10.44 -2.81
CA ALA C 46 5.14 -9.92 -2.86
C ALA C 46 5.56 -9.22 -1.54
N GLN C 47 4.60 -8.60 -0.82
CA GLN C 47 4.97 -7.93 0.41
C GLN C 47 5.52 -8.92 1.47
N LYS C 48 5.05 -10.17 1.46
CA LYS C 48 5.45 -11.19 2.42
C LYS C 48 6.56 -12.10 1.87
N ASP C 49 6.69 -12.20 0.52
CA ASP C 49 7.62 -13.10 -0.15
C ASP C 49 8.77 -12.35 -0.83
N LYS C 50 9.94 -12.24 -0.17
CA LYS C 50 11.14 -11.55 -0.68
C LYS C 50 11.55 -12.06 -2.05
N GLU C 51 11.58 -13.40 -2.22
CA GLU C 51 11.96 -14.05 -3.47
C GLU C 51 11.04 -13.61 -4.61
N TYR C 52 9.71 -13.70 -4.41
CA TYR C 52 8.70 -13.30 -5.40
C TYR C 52 8.84 -11.82 -5.75
N MET C 53 9.13 -10.98 -4.76
CA MET C 53 9.32 -9.54 -4.97
C MET C 53 10.52 -9.29 -5.89
N GLU C 54 11.64 -9.99 -5.64
CA GLU C 54 12.84 -9.85 -6.46
C GLU C 54 12.52 -10.32 -7.89
N ILE C 55 11.77 -11.42 -8.05
CA ILE C 55 11.39 -11.92 -9.35
C ILE C 55 10.58 -10.89 -10.13
N LEU C 56 9.55 -10.32 -9.49
CA LEU C 56 8.68 -9.32 -10.13
C LEU C 56 9.43 -8.06 -10.54
N ASN C 57 10.57 -7.77 -9.90
CA ASN C 57 11.40 -6.63 -10.28
C ASN C 57 12.44 -6.97 -11.37
N ASN C 58 12.46 -8.23 -11.84
CA ASN C 58 13.37 -8.75 -12.84
C ASN C 58 12.64 -9.38 -14.03
N THR C 59 11.41 -8.99 -14.30
CA THR C 59 10.67 -9.48 -15.47
C THR C 59 10.74 -8.44 -16.58
N ASP C 60 10.62 -8.87 -17.83
CA ASP C 60 10.66 -7.97 -18.98
C ASP C 60 9.37 -7.18 -19.15
N LEU C 61 8.23 -7.72 -18.68
CA LEU C 61 6.97 -7.01 -18.83
C LEU C 61 6.00 -7.43 -17.76
N ASN C 62 5.47 -6.46 -17.01
CA ASN C 62 4.45 -6.72 -15.99
C ASN C 62 3.19 -6.03 -16.44
N VAL C 63 2.24 -6.80 -16.93
CA VAL C 63 1.00 -6.25 -17.46
C VAL C 63 -0.07 -6.23 -16.36
N PRO C 64 -0.67 -5.06 -16.09
CA PRO C 64 -1.69 -5.00 -15.02
C PRO C 64 -2.84 -5.99 -15.25
N ASP C 65 -3.26 -6.73 -14.20
CA ASP C 65 -4.39 -7.67 -14.36
C ASP C 65 -5.60 -7.27 -13.52
N GLY C 66 -6.73 -7.13 -14.18
CA GLY C 66 -7.98 -6.76 -13.54
C GLY C 66 -8.17 -5.28 -13.25
N SER C 67 -9.35 -4.93 -12.74
CA SER C 67 -9.72 -3.56 -12.40
C SER C 67 -9.10 -3.04 -11.11
N GLY C 68 -8.95 -3.93 -10.15
CA GLY C 68 -8.46 -3.56 -8.84
C GLY C 68 -7.12 -2.86 -8.82
N ILE C 69 -6.15 -3.34 -9.63
CA ILE C 69 -4.84 -2.67 -9.66
C ILE C 69 -4.92 -1.32 -10.41
N VAL C 70 -5.81 -1.21 -11.40
CA VAL C 70 -6.05 0.06 -12.08
C VAL C 70 -6.67 1.06 -11.09
N PHE C 71 -7.56 0.60 -10.19
CA PHE C 71 -8.13 1.45 -9.16
C PHE C 71 -7.01 1.99 -8.24
N ALA C 72 -6.16 1.08 -7.74
CA ALA C 72 -5.02 1.41 -6.89
C ALA C 72 -4.11 2.46 -7.53
N SER C 73 -3.90 2.36 -8.84
CA SER C 73 -3.04 3.29 -9.57
C SER C 73 -3.58 4.71 -9.65
N LYS C 74 -4.84 4.96 -9.23
CA LYS C 74 -5.42 6.30 -9.24
C LYS C 74 -4.66 7.25 -8.28
N VAL C 75 -3.82 6.71 -7.38
CA VAL C 75 -3.00 7.51 -6.50
C VAL C 75 -1.85 8.20 -7.29
N PHE C 76 -1.46 7.65 -8.45
CA PHE C 76 -0.37 8.20 -9.23
C PHE C 76 -0.75 9.33 -10.16
N LYS C 77 0.22 10.16 -10.56
CA LYS C 77 0.00 11.29 -11.46
C LYS C 77 -0.48 10.76 -12.81
N LYS C 78 0.06 9.63 -13.28
CA LYS C 78 -0.35 9.00 -14.51
C LYS C 78 -0.87 7.59 -14.19
N PRO C 79 -2.16 7.47 -13.81
CA PRO C 79 -2.72 6.14 -13.50
C PRO C 79 -2.67 5.17 -14.67
N LEU C 80 -2.96 3.88 -14.43
CA LEU C 80 -2.97 2.88 -15.49
C LEU C 80 -4.05 3.20 -16.53
N PRO C 81 -3.67 3.20 -17.81
CA PRO C 81 -4.60 3.64 -18.85
C PRO C 81 -5.95 2.89 -18.88
N GLU C 82 -5.93 1.56 -18.91
CA GLU C 82 -7.15 0.79 -19.02
C GLU C 82 -7.06 -0.54 -18.31
N ARG C 83 -8.23 -1.11 -17.99
CA ARG C 83 -8.33 -2.40 -17.37
C ARG C 83 -7.90 -3.44 -18.39
N VAL C 84 -6.96 -4.29 -18.00
CA VAL C 84 -6.42 -5.30 -18.90
C VAL C 84 -6.54 -6.65 -18.19
N ALA C 85 -7.10 -7.64 -18.86
CA ALA C 85 -7.21 -8.98 -18.31
C ALA C 85 -6.08 -9.83 -18.92
N GLY C 86 -5.28 -10.48 -18.07
CA GLY C 86 -4.19 -11.32 -18.51
C GLY C 86 -4.61 -12.48 -19.39
N PHE C 87 -5.86 -12.97 -19.21
CA PHE C 87 -6.43 -14.03 -20.01
C PHE C 87 -6.64 -13.51 -21.43
N ASP C 88 -7.21 -12.30 -21.55
CA ASP C 88 -7.43 -11.65 -22.83
C ASP C 88 -6.12 -11.32 -23.54
N LEU C 89 -5.07 -10.98 -22.78
CA LEU C 89 -3.76 -10.70 -23.36
C LEU C 89 -3.21 -11.97 -24.00
N MET C 90 -3.33 -13.11 -23.30
CA MET C 90 -2.85 -14.38 -23.80
C MET C 90 -3.54 -14.77 -25.10
N LEU C 91 -4.88 -14.64 -25.16
CA LEU C 91 -5.61 -14.99 -26.38
C LEU C 91 -5.38 -14.03 -27.52
N GLU C 92 -5.24 -12.72 -27.24
CA GLU C 92 -4.96 -11.76 -28.30
C GLU C 92 -3.59 -12.01 -28.86
N PHE C 93 -2.59 -12.27 -27.98
CA PHE C 93 -1.23 -12.59 -28.40
C PHE C 93 -1.21 -13.84 -29.30
N ILE C 94 -1.86 -14.95 -28.85
CA ILE C 94 -1.98 -16.21 -29.60
C ILE C 94 -2.70 -15.97 -30.92
N LYS C 95 -3.75 -15.11 -30.93
CA LYS C 95 -4.48 -14.78 -32.17
C LYS C 95 -3.56 -14.23 -33.25
N GLY C 96 -2.67 -13.31 -32.87
CA GLY C 96 -1.73 -12.72 -33.81
C GLY C 96 -0.64 -13.63 -34.33
N ILE C 97 -0.01 -14.41 -33.44
CA ILE C 97 1.07 -15.31 -33.85
C ILE C 97 0.58 -16.64 -34.47
N SER C 98 -0.74 -16.93 -34.45
CA SER C 98 -1.24 -18.18 -35.03
C SER C 98 -1.06 -18.22 -36.54
N SER C 99 -1.24 -17.08 -37.20
CA SER C 99 -1.04 -16.95 -38.66
C SER C 99 0.45 -16.97 -39.03
N LYS C 100 1.32 -16.43 -38.14
CA LYS C 100 2.76 -16.35 -38.37
C LYS C 100 3.55 -17.66 -38.11
N GLY C 101 2.85 -18.74 -37.73
CA GLY C 101 3.46 -20.03 -37.48
C GLY C 101 4.49 -20.07 -36.35
N VAL C 102 4.25 -19.30 -35.27
CA VAL C 102 5.15 -19.26 -34.12
C VAL C 102 4.95 -20.50 -33.27
N LYS C 103 6.03 -21.23 -32.91
CA LYS C 103 5.94 -22.42 -32.06
C LYS C 103 5.61 -22.08 -30.59
N ILE C 104 4.57 -22.74 -30.04
CA ILE C 104 4.03 -22.55 -28.68
C ILE C 104 4.05 -23.84 -27.88
N TYR C 105 4.38 -23.78 -26.59
CA TYR C 105 4.37 -24.95 -25.72
C TYR C 105 3.47 -24.64 -24.53
N LEU C 106 2.61 -25.60 -24.18
CA LEU C 106 1.70 -25.43 -23.06
C LEU C 106 2.14 -26.27 -21.86
N LEU C 107 2.83 -25.67 -20.90
CA LEU C 107 3.27 -26.34 -19.68
C LEU C 107 2.30 -25.94 -18.58
N GLY C 108 1.76 -26.90 -17.84
CA GLY C 108 0.82 -26.59 -16.78
C GLY C 108 -0.55 -27.25 -16.86
N ALA C 109 -1.34 -27.03 -15.80
CA ALA C 109 -2.71 -27.52 -15.57
C ALA C 109 -2.79 -29.03 -15.27
N ALA C 110 -3.92 -29.48 -14.69
CA ALA C 110 -4.15 -30.88 -14.35
C ALA C 110 -3.92 -31.83 -15.56
N ALA C 111 -3.85 -33.17 -15.32
CA ALA C 111 -3.65 -34.15 -16.39
C ALA C 111 -4.69 -34.01 -17.51
N GLN C 112 -4.21 -33.86 -18.75
CA GLN C 112 -5.00 -33.74 -19.99
C GLN C 112 -5.62 -32.36 -20.23
N VAL C 113 -5.48 -31.42 -19.29
CA VAL C 113 -6.05 -30.09 -19.44
C VAL C 113 -5.32 -29.28 -20.52
N ALA C 114 -3.99 -29.37 -20.55
CA ALA C 114 -3.21 -28.67 -21.56
C ALA C 114 -3.42 -29.27 -22.96
N GLU C 115 -3.76 -30.57 -23.07
CA GLU C 115 -4.04 -31.17 -24.36
C GLU C 115 -5.42 -30.71 -24.87
N GLN C 116 -6.39 -30.58 -23.95
CA GLN C 116 -7.73 -30.11 -24.28
C GLN C 116 -7.72 -28.63 -24.67
N ALA C 117 -6.86 -27.83 -24.03
CA ALA C 117 -6.72 -26.41 -24.33
C ALA C 117 -6.10 -26.25 -25.72
N ARG C 118 -5.10 -27.09 -26.05
CA ARG C 118 -4.42 -27.12 -27.34
C ARG C 118 -5.45 -27.42 -28.44
N ALA C 119 -6.32 -28.42 -28.21
CA ALA C 119 -7.35 -28.80 -29.17
C ALA C 119 -8.31 -27.64 -29.43
N ASN C 120 -8.74 -26.95 -28.37
CA ASN C 120 -9.66 -25.81 -28.48
C ASN C 120 -8.99 -24.62 -29.17
N LEU C 121 -7.70 -24.38 -28.89
CA LEU C 121 -6.95 -23.27 -29.51
C LEU C 121 -6.78 -23.51 -31.02
N GLU C 122 -6.63 -24.77 -31.43
CA GLU C 122 -6.51 -25.10 -32.84
C GLU C 122 -7.86 -24.92 -33.59
N LYS C 123 -8.99 -24.97 -32.87
CA LYS C 123 -10.32 -24.75 -33.43
C LYS C 123 -10.60 -23.24 -33.53
N LEU C 124 -10.19 -22.47 -32.51
CA LEU C 124 -10.39 -21.02 -32.46
C LEU C 124 -9.47 -20.28 -33.40
N TYR C 125 -8.17 -20.63 -33.40
CA TYR C 125 -7.18 -19.95 -34.21
C TYR C 125 -6.48 -20.97 -35.09
N PRO C 126 -7.12 -21.39 -36.20
CA PRO C 126 -6.48 -22.40 -37.07
C PRO C 126 -5.12 -21.98 -37.59
N GLY C 127 -4.19 -22.92 -37.60
CA GLY C 127 -2.82 -22.64 -38.04
C GLY C 127 -1.86 -22.37 -36.90
N VAL C 128 -2.35 -22.33 -35.64
CA VAL C 128 -1.53 -22.14 -34.46
C VAL C 128 -0.59 -23.34 -34.32
N LYS C 129 0.71 -23.07 -34.16
CA LYS C 129 1.68 -24.15 -34.04
C LYS C 129 1.96 -24.43 -32.57
N ILE C 130 1.22 -25.37 -31.97
CA ILE C 130 1.45 -25.77 -30.56
C ILE C 130 2.28 -27.05 -30.62
N VAL C 131 3.61 -26.94 -30.44
CA VAL C 131 4.55 -28.06 -30.58
C VAL C 131 4.49 -29.11 -29.46
N GLY C 132 3.89 -28.79 -28.31
CA GLY C 132 3.81 -29.75 -27.23
C GLY C 132 3.04 -29.26 -26.03
N THR C 133 2.74 -30.18 -25.12
CA THR C 133 2.03 -29.91 -23.86
C THR C 133 2.56 -30.83 -22.74
N HIS C 134 2.36 -30.43 -21.48
CA HIS C 134 2.72 -31.23 -20.29
C HIS C 134 1.96 -30.68 -19.10
N HIS C 135 1.50 -31.56 -18.20
CA HIS C 135 0.78 -31.13 -17.00
C HIS C 135 1.74 -30.41 -16.00
N GLY C 136 1.20 -29.71 -15.03
CA GLY C 136 2.01 -28.95 -14.07
C GLY C 136 2.19 -29.59 -12.71
N TYR C 137 2.07 -30.89 -12.68
CA TYR C 137 2.24 -31.66 -11.46
C TYR C 137 3.49 -32.53 -11.54
N PHE C 138 4.53 -32.02 -12.20
CA PHE C 138 5.81 -32.70 -12.34
C PHE C 138 6.65 -32.44 -11.05
N THR C 139 7.64 -33.31 -10.76
CA THR C 139 8.50 -33.12 -9.59
C THR C 139 9.75 -32.34 -9.98
N GLU C 140 10.53 -31.86 -8.99
CA GLU C 140 11.79 -31.13 -9.19
C GLU C 140 12.74 -31.98 -10.05
N GLU C 141 12.78 -33.31 -9.73
CA GLU C 141 13.55 -34.36 -10.38
C GLU C 141 13.14 -34.65 -11.84
N GLU C 142 12.06 -34.04 -12.33
CA GLU C 142 11.58 -34.25 -13.70
C GLU C 142 11.77 -33.04 -14.61
N GLU C 143 12.00 -31.83 -14.01
CA GLU C 143 12.24 -30.53 -14.67
C GLU C 143 13.09 -30.61 -15.99
N ASN C 144 14.38 -31.03 -15.90
CA ASN C 144 15.32 -31.10 -17.01
C ASN C 144 14.84 -31.88 -18.27
N LYS C 145 14.00 -32.92 -18.09
CA LYS C 145 13.46 -33.67 -19.23
C LYS C 145 12.38 -32.85 -19.95
N ILE C 146 11.54 -32.15 -19.17
CA ILE C 146 10.49 -31.29 -19.69
C ILE C 146 11.11 -30.10 -20.42
N ILE C 147 12.14 -29.48 -19.83
CA ILE C 147 12.86 -28.36 -20.44
C ILE C 147 13.55 -28.81 -21.76
N GLU C 148 14.04 -30.07 -21.81
CA GLU C 148 14.67 -30.66 -22.99
C GLU C 148 13.65 -30.74 -24.14
N GLU C 149 12.39 -31.13 -23.85
CA GLU C 149 11.35 -31.21 -24.89
C GLU C 149 11.07 -29.81 -25.43
N ILE C 150 10.93 -28.83 -24.53
CA ILE C 150 10.67 -27.43 -24.92
C ILE C 150 11.76 -26.90 -25.87
N ASN C 151 13.03 -27.05 -25.46
CA ASN C 151 14.17 -26.61 -26.25
C ASN C 151 14.36 -27.40 -27.54
N ASN C 152 14.26 -28.74 -27.50
CA ASN C 152 14.43 -29.54 -28.71
C ASN C 152 13.31 -29.38 -29.72
N LYS C 153 12.07 -29.11 -29.27
CA LYS C 153 10.97 -28.82 -30.21
C LYS C 153 11.02 -27.37 -30.80
N GLY C 154 11.99 -26.58 -30.37
CA GLY C 154 12.19 -25.22 -30.86
C GLY C 154 11.09 -24.25 -30.53
N ALA C 155 10.42 -24.44 -29.39
CA ALA C 155 9.34 -23.55 -28.99
C ALA C 155 9.87 -22.13 -28.72
N GLU C 156 9.12 -21.11 -29.18
CA GLU C 156 9.44 -19.69 -28.98
C GLU C 156 8.64 -19.10 -27.83
N VAL C 157 7.37 -19.54 -27.66
CA VAL C 157 6.47 -19.03 -26.62
C VAL C 157 6.10 -20.17 -25.65
N LEU C 158 6.30 -19.97 -24.35
CA LEU C 158 5.97 -20.99 -23.35
C LEU C 158 4.95 -20.40 -22.36
N PHE C 159 3.77 -21.02 -22.28
CA PHE C 159 2.76 -20.58 -21.33
C PHE C 159 2.84 -21.49 -20.13
N VAL C 160 3.09 -20.94 -18.96
CA VAL C 160 3.23 -21.70 -17.73
C VAL C 160 1.99 -21.55 -16.84
N ALA C 161 1.14 -22.58 -16.81
CA ALA C 161 -0.07 -22.60 -16.01
C ALA C 161 0.12 -23.34 -14.68
N LEU C 162 0.78 -22.69 -13.69
CA LEU C 162 0.97 -23.32 -12.36
C LEU C 162 0.51 -22.45 -11.19
N GLY C 163 -0.03 -21.27 -11.46
CA GLY C 163 -0.53 -20.38 -10.42
C GLY C 163 0.55 -19.53 -9.79
N ALA C 164 0.19 -18.39 -9.21
CA ALA C 164 1.16 -17.50 -8.62
C ALA C 164 1.37 -17.81 -7.14
N PRO C 165 2.62 -17.79 -6.65
CA PRO C 165 3.87 -17.44 -7.33
C PRO C 165 4.63 -18.62 -7.99
N LYS C 166 4.08 -19.84 -7.93
CA LYS C 166 4.74 -21.01 -8.51
C LYS C 166 5.19 -20.83 -9.96
N GLN C 167 4.31 -20.30 -10.82
CA GLN C 167 4.63 -20.11 -12.22
C GLN C 167 5.80 -19.14 -12.40
N GLU C 168 5.79 -18.00 -11.68
CA GLU C 168 6.87 -17.03 -11.83
C GLU C 168 8.17 -17.54 -11.26
N LYS C 169 8.11 -18.28 -10.13
CA LYS C 169 9.28 -18.88 -9.49
C LYS C 169 9.88 -19.98 -10.34
N TRP C 170 9.04 -20.75 -11.07
CA TRP C 170 9.53 -21.82 -11.95
C TRP C 170 10.30 -21.22 -13.13
N ILE C 171 9.68 -20.26 -13.84
CA ILE C 171 10.33 -19.59 -14.97
C ILE C 171 11.64 -18.96 -14.56
N TYR C 172 11.66 -18.21 -13.45
CA TYR C 172 12.90 -17.57 -12.98
C TYR C 172 14.00 -18.55 -12.59
N LYS C 173 13.66 -19.65 -11.90
CA LYS C 173 14.62 -20.68 -11.50
C LYS C 173 15.30 -21.28 -12.77
N ASN C 174 14.51 -21.47 -13.83
CA ASN C 174 14.99 -22.08 -15.08
C ASN C 174 15.15 -21.07 -16.22
N LYS C 175 15.42 -19.79 -15.87
CA LYS C 175 15.58 -18.74 -16.87
C LYS C 175 16.84 -18.95 -17.74
N ASP C 176 17.83 -19.71 -17.23
CA ASP C 176 19.06 -19.99 -17.97
C ASP C 176 18.98 -21.33 -18.73
N LYS C 177 18.04 -22.20 -18.40
CA LYS C 177 17.90 -23.49 -19.06
C LYS C 177 16.92 -23.41 -20.23
N LEU C 178 15.88 -22.57 -20.11
CA LEU C 178 14.86 -22.38 -21.13
C LEU C 178 15.40 -21.57 -22.29
N LYS C 179 15.25 -22.11 -23.51
CA LYS C 179 15.71 -21.46 -24.73
C LYS C 179 14.55 -20.88 -25.55
N VAL C 180 13.49 -20.42 -24.86
CA VAL C 180 12.36 -19.81 -25.54
C VAL C 180 12.54 -18.28 -25.55
N LYS C 181 11.77 -17.55 -26.37
CA LYS C 181 11.86 -16.10 -26.44
C LYS C 181 10.94 -15.46 -25.42
N ILE C 182 9.76 -16.05 -25.17
CA ILE C 182 8.82 -15.52 -24.18
C ILE C 182 8.39 -16.66 -23.26
N ALA C 183 8.46 -16.45 -21.95
CA ALA C 183 7.95 -17.40 -20.97
C ALA C 183 6.97 -16.59 -20.13
N MET C 184 5.67 -16.94 -20.18
CA MET C 184 4.62 -16.21 -19.49
C MET C 184 3.80 -17.09 -18.53
N GLY C 185 3.63 -16.66 -17.26
CA GLY C 185 2.77 -17.35 -16.31
C GLY C 185 1.31 -17.03 -16.60
N VAL C 186 0.46 -18.05 -16.86
CA VAL C 186 -0.95 -17.87 -17.26
C VAL C 186 -2.04 -18.30 -16.24
N GLY C 187 -1.66 -18.87 -15.11
CA GLY C 187 -2.60 -19.25 -14.06
C GLY C 187 -3.59 -20.31 -14.47
N GLY C 188 -4.86 -20.08 -14.15
CA GLY C 188 -5.90 -21.04 -14.51
C GLY C 188 -6.49 -20.84 -15.89
N SER C 189 -5.74 -20.23 -16.82
CA SER C 189 -6.21 -19.97 -18.18
C SER C 189 -6.40 -21.23 -18.99
N PHE C 190 -5.58 -22.27 -18.76
CA PHE C 190 -5.72 -23.58 -19.42
C PHE C 190 -7.04 -24.21 -19.01
N ASP C 191 -7.47 -24.03 -17.75
CA ASP C 191 -8.72 -24.56 -17.26
C ASP C 191 -9.95 -23.84 -17.88
N VAL C 192 -9.81 -22.57 -18.22
CA VAL C 192 -10.87 -21.80 -18.86
C VAL C 192 -10.91 -22.13 -20.35
N ILE C 193 -9.74 -22.25 -21.00
CA ILE C 193 -9.62 -22.58 -22.41
C ILE C 193 -10.12 -23.98 -22.69
N ALA C 194 -9.70 -24.96 -21.87
CA ALA C 194 -10.17 -26.36 -22.02
C ALA C 194 -11.64 -26.55 -21.69
N GLY C 195 -12.25 -25.59 -20.99
CA GLY C 195 -13.65 -25.68 -20.61
C GLY C 195 -13.89 -26.31 -19.25
N LYS C 196 -12.82 -26.57 -18.48
CA LYS C 196 -12.93 -27.13 -17.14
C LYS C 196 -13.60 -26.14 -16.19
N VAL C 197 -13.25 -24.85 -16.32
CA VAL C 197 -13.77 -23.75 -15.50
C VAL C 197 -14.50 -22.69 -16.33
C1' UD1 D . -11.73 2.73 18.10
C1' UD1 D . -5.84 3.96 19.08
C2' UD1 D . -13.25 2.47 18.21
C2' UD1 D . -5.83 4.60 17.68
C3' UD1 D . -13.57 1.00 18.46
C3' UD1 D . -4.48 5.23 17.35
C4' UD1 D . -12.63 0.03 17.75
C4' UD1 D . -3.64 5.63 18.57
C5' UD1 D . -11.18 0.42 18.04
C5' UD1 D . -3.50 4.46 19.54
C6' UD1 D . -10.16 -0.52 17.46
C6' UD1 D . -3.35 4.87 20.98
C7' UD1 D . -15.15 3.76 19.16
C7' UD1 D . -7.18 3.68 15.83
C8' UD1 D . -15.38 5.14 18.64
C8' UD1 D . -7.33 4.95 15.06
N2' UD1 D . -13.88 3.35 19.19
N2' UD1 D . -6.14 3.62 16.66
O1' UD1 D . -11.22 3.02 19.38
O1' UD1 D . -6.87 3.03 19.18
O3' UD1 D . -14.92 0.73 18.11
O3' UD1 D . -4.66 6.30 16.42
O4' UD1 D . -12.87 -1.30 18.24
O4' UD1 D . -2.33 6.03 18.15
O5' UD1 D . -10.96 1.72 17.46
O5' UD1 D . -4.56 3.48 19.48
O6' UD1 D . -10.16 -1.72 18.22
O6' UD1 D . -2.28 4.18 21.58
O7' UD1 D . -16.07 3.07 19.57
O7' UD1 D . -7.98 2.76 15.73
N1 UD1 D . -7.39 2.49 28.18
N1 UD1 D . -7.65 2.66 28.31
C2 UD1 D . -7.42 1.75 29.35
C2 UD1 D . -7.51 1.77 29.36
N3 UD1 D . -6.20 1.44 29.86
N3 UD1 D . -6.22 1.53 29.74
C4 UD1 D . -4.96 1.73 29.32
C4 UD1 D . -5.07 2.00 29.15
C5 UD1 D . -5.01 2.47 28.09
C5 UD1 D . -5.29 2.87 28.02
C6 UD1 D . -6.20 2.82 27.57
C6 UD1 D . -6.55 3.14 27.65
O2 UD1 D . -8.47 1.44 29.90
O2 UD1 D . -8.47 1.29 29.94
O4 UD1 D . -3.94 1.37 29.90
O4 UD1 D . -3.97 1.71 29.63
C1B UD1 D . -8.69 2.85 27.58
C1B UD1 D . -9.03 2.88 27.82
C2B UD1 D . -8.97 4.35 27.54
C2B UD1 D . -9.38 4.35 27.58
O2' UD1 D . -9.31 4.84 28.81
O2' UD1 D . -9.98 4.94 28.73
C3B UD1 D . -10.10 4.37 26.49
C3B UD1 D . -10.25 4.26 26.32
C4B UD1 D . -9.66 3.28 25.50
C4B UD1 D . -9.54 3.14 25.54
O4B UD1 D . -8.71 2.45 26.22
O4B UD1 D . -9.20 2.20 26.59
O3B UD1 D . -11.35 3.98 27.06
O3B UD1 D . -11.56 3.81 26.60
C5B UD1 D . -9.02 3.74 24.22
C5B UD1 D . -8.28 3.50 24.76
O5B UD1 D . -9.94 4.61 23.52
O5B UD1 D . -8.60 4.09 23.49
PA UD1 D . -9.53 5.10 22.05
PA UD1 D . -7.38 4.83 22.77
O1A UD1 D . -8.10 5.50 22.06
O1A UD1 D . -6.15 4.75 23.62
O2A UD1 D . -10.55 6.09 21.56
O2A UD1 D . -7.83 6.19 22.33
O3A UD1 D . -9.66 3.74 21.21
O3A UD1 D . -7.12 3.92 21.48
PB UD1 D . -9.66 3.37 19.64
PB UD1 D . -8.00 3.37 20.27
O1B UD1 D . -8.82 2.16 19.41
O1B UD1 D . -8.83 4.50 19.75
O2B UD1 D . -9.30 4.57 18.85
O2B UD1 D . -8.68 2.11 20.68
C1' UD1 E . 7.57 16.94 -9.12
C1' UD1 E . 8.96 11.78 -11.33
C2' UD1 E . 6.51 18.04 -9.32
C2' UD1 E . 7.97 11.05 -10.42
C3' UD1 E . 6.55 19.11 -8.22
C3' UD1 E . 8.06 9.56 -10.75
C4' UD1 E . 6.86 18.53 -6.84
C4' UD1 E . 9.50 9.04 -10.83
C5' UD1 E . 8.16 17.75 -6.90
C5' UD1 E . 10.51 10.12 -10.43
C6' UD1 E . 8.56 17.17 -5.58
C6' UD1 E . 11.96 9.71 -10.61
C7' UD1 E . 5.52 19.31 -11.21
C7' UD1 E . 7.71 12.45 -8.41
C8' UD1 E . 4.18 18.64 -11.22
C8' UD1 E . 8.42 12.86 -7.16
N2' UD1 E . 6.53 18.62 -10.65
N2' UD1 E . 8.15 11.34 -9.01
O1' UD1 E . 8.63 17.13 -10.02
O1' UD1 E . 8.70 13.15 -11.33
O3' UD1 E . 5.34 19.86 -8.18
O3' UD1 E . 7.45 9.46 -12.03
O4' UD1 E . 7.04 19.63 -5.95
O4' UD1 E . 9.67 7.91 -9.98
O5' UD1 E . 8.00 16.63 -7.80
O5' UD1 E . 10.31 11.39 -11.09
O6' UD1 E . 9.90 16.72 -5.62
O6' UD1 E . 12.83 10.60 -9.94
O7' UD1 E . 5.68 20.45 -11.61
O7' UD1 E . 6.77 13.09 -8.85
N1 UD1 E . 18.15 16.82 -11.95
N1 UD1 E . 17.47 16.80 -11.97
C2 UD1 E . 19.27 17.49 -11.50
C2 UD1 E . 18.64 17.47 -11.62
N3 UD1 E . 20.31 16.69 -11.14
N3 UD1 E . 19.72 16.66 -11.43
C4 UD1 E . 20.35 15.31 -11.15
C4 UD1 E . 19.76 15.29 -11.51
C5 UD1 E . 19.14 14.69 -11.62
C5 UD1 E . 18.52 14.67 -11.86
C6 UD1 E . 18.11 15.45 -12.01
C6 UD1 E . 17.45 15.43 -12.09
O2 UD1 E . 19.32 18.72 -11.44
O2 UD1 E . 18.69 18.69 -11.48
O4 UD1 E . 21.36 14.72 -10.80
O4 UD1 E . 20.83 14.69 -11.32
C1B UD1 E . 17.01 17.65 -12.39
C1B UD1 E . 16.24 17.61 -12.13
C2B UD1 E . 16.36 17.18 -13.68
C2B UD1 E . 15.74 17.71 -13.58
O2' UD1 E . 17.22 17.54 -14.74
O2' UD1 E . 16.48 18.62 -14.36
C3B UD1 E . 15.05 17.96 -13.61
C3B UD1 E . 14.29 18.15 -13.30
C4B UD1 E . 14.71 17.90 -12.10
C4B UD1 E . 13.92 17.27 -12.09
O4B UD1 E . 15.97 17.62 -11.44
O4B UD1 E . 15.18 16.99 -11.43
O3B UD1 E . 15.22 19.30 -14.04
O3B UD1 E . 14.25 19.53 -12.94
C5B UD1 E . 13.72 16.85 -11.69
C5B UD1 E . 13.20 15.98 -12.39
O5B UD1 E . 12.70 16.78 -12.72
O5B UD1 E . 12.77 15.36 -11.16
PA UD1 E . 11.57 15.67 -12.57
PA UD1 E . 11.92 14.00 -11.22
O1A UD1 E . 12.19 14.44 -12.00
O1A UD1 E . 11.51 13.59 -9.85
O2A UD1 E . 10.85 15.55 -13.87
O2A UD1 E . 12.69 13.01 -12.05
O3A UD1 E . 10.61 16.36 -11.49
O3A UD1 E . 10.64 14.54 -12.05
PB UD1 E . 9.47 15.82 -10.48
PB UD1 E . 9.20 14.04 -12.57
O1B UD1 E . 10.14 15.24 -9.27
O1B UD1 E . 9.33 13.12 -13.75
O2B UD1 E . 8.55 14.97 -11.29
O2B UD1 E . 8.30 15.23 -12.74
C1' UD1 F . -5.88 -16.34 -12.93
C1' UD1 F . -5.01 -18.13 -6.63
C2' UD1 F . -6.48 -15.89 -14.28
C2' UD1 F . -5.10 -16.63 -6.31
C3' UD1 F . -5.40 -15.42 -15.27
C3' UD1 F . -4.81 -16.30 -4.84
C4' UD1 F . -4.17 -14.81 -14.60
C4' UD1 F . -5.01 -17.45 -3.86
C5' UD1 F . -3.57 -15.84 -13.63
C5' UD1 F . -4.45 -18.79 -4.37
C6' UD1 F . -2.64 -15.23 -12.61
C6' UD1 F . -5.41 -19.94 -4.15
C7' UD1 F . -8.30 -16.80 -15.70
C7' UD1 F . -4.37 -14.78 -7.78
C8' UD1 F . -9.26 -15.69 -15.36
C8' UD1 F . -3.30 -14.35 -8.73
N2' UD1 F . -7.24 -16.95 -14.92
N2' UD1 F . -4.13 -15.91 -7.11
O1' UD1 F . -6.70 -17.37 -12.41
O1' UD1 F . -4.71 -18.31 -8.00
O3' UD1 F . -5.97 -14.51 -16.21
O3' UD1 F . -5.56 -15.15 -4.44
O4' UD1 F . -3.21 -14.49 -15.60
O4' UD1 F . -4.38 -17.13 -2.61
O5' UD1 F . -4.50 -16.71 -12.95
O5' UD1 F . -4.08 -18.78 -5.76
O6' UD1 F . -1.48 -14.69 -13.24
O6' UD1 F . -4.89 -21.18 -4.61
O7' UD1 F . -8.48 -17.52 -16.68
O7' UD1 F . -5.40 -14.13 -7.62
N1 UD1 F . -1.57 -25.75 -10.88
N1 UD1 F . -1.44 -26.04 -11.20
C2 UD1 F . -0.80 -26.63 -11.62
C2 UD1 F . -0.45 -26.80 -11.78
N3 UD1 F . 0.15 -27.31 -10.89
N3 UD1 F . 0.44 -27.36 -10.89
C4 UD1 F . 0.42 -27.17 -9.54
C4 UD1 F . 0.47 -27.17 -9.53
C5 UD1 F . -0.43 -26.24 -8.85
C5 UD1 F . -0.57 -26.33 -9.00
C6 UD1 F . -1.37 -25.57 -9.53
C6 UD1 F . -1.47 -25.80 -9.84
O2 UD1 F . -0.93 -26.79 -12.83
O2 UD1 F . -0.39 -27.01 -12.98
O4 UD1 F . 1.29 -27.87 -9.03
O4 UD1 F . 1.35 -27.73 -8.87
C1B UD1 F . -2.58 -24.96 -11.62
C1B UD1 F . -2.42 -25.39 -12.11
C2B UD1 F . -4.00 -25.49 -11.51
C2B UD1 F . -3.87 -25.71 -11.78
O2' UD1 F . -4.19 -26.61 -12.36
O2' UD1 F . -4.30 -26.87 -12.46
C3B UD1 F . -4.81 -24.24 -11.90
C3B UD1 F . -4.56 -24.42 -12.24
C4B UD1 F . -3.94 -23.08 -11.41
C4B UD1 F . -3.55 -23.34 -11.84
O4B UD1 F . -2.66 -23.66 -11.05
O4B UD1 F . -2.27 -23.98 -12.03
O3B UD1 F . -4.99 -24.15 -13.30
O3B UD1 F . -4.72 -24.43 -13.65
C5B UD1 F . -4.47 -22.27 -10.24
C5B UD1 F . -3.64 -22.80 -10.43
O5B UD1 F . -5.19 -21.10 -10.73
O5B UD1 F . -5.04 -22.54 -10.10
PA UD1 F . -6.80 -21.03 -10.64
PA UD1 F . -5.44 -22.31 -8.55
O1A UD1 F . -7.21 -21.03 -9.21
O1A UD1 F . -4.40 -22.92 -7.68
O2A UD1 F . -7.40 -22.06 -11.54
O2A UD1 F . -6.86 -22.72 -8.36
O3A UD1 F . -7.07 -19.58 -11.29
O3A UD1 F . -5.33 -20.71 -8.46
PB UD1 F . -6.62 -18.06 -10.95
PB UD1 F . -4.14 -19.65 -8.70
O1B UD1 F . -5.21 -18.08 -10.45
O1B UD1 F . -3.97 -19.39 -10.16
O2B UD1 F . -7.66 -17.46 -10.05
O2B UD1 F . -2.92 -20.12 -7.97
#